data_5TVF
#
_entry.id   5TVF
#
_cell.length_a   81.126
_cell.length_b   96.306
_cell.length_c   98.483
_cell.angle_alpha   90.00
_cell.angle_beta   102.22
_cell.angle_gamma   90.00
#
_symmetry.space_group_name_H-M   'P 1 21 1'
#
loop_
_entity.id
_entity.type
_entity.pdbx_description
1 polymer 'S-adenosylmethionine decarboxylase beta chain'
2 polymer 'S-adenosylmethionine decarboxylase alpha chain'
3 polymer 'S-adenosylmethionine decarboxylase proenzyme-like, putative'
4 non-polymer 2-[3-(2-HYDROXY-1,1-DIHYDROXYMETHYL-ETHYLAMINO)-PROPYLAMINO]-2-HYDROXYMETHYL-PROPANE-1,3-DIOL
5 non-polymer "3-[C-[N'-(3-CARBAMIMIDOYL-BENZYLIDENIUM)-HYDRAZINO]-[[AMINOMETHYLIDENE]AMINIUM]-IMINOMETHYL]-BENZAMIDINIUM"
6 non-polymer 1,4-DIAMINOBUTANE
7 water water
#
loop_
_entity_poly.entity_id
_entity_poly.type
_entity_poly.pdbx_seq_one_letter_code
_entity_poly.pdbx_strand_id
1 'polypeptide(L)'
;MSSCKDSLSLMAMWGSIARFDPKHERSFEGPEKRLEVIMRVVDGTHVSGLLAHDDDVWQKVIDAICAHIVSREFNEYIRS
YVLSE
;
A,C
2 'polypeptide(L)'
;(PYR)SLFVMKDRVILITCGTITLLNCVPLICEAVSTVCGEVEWVSFMHKNYSFPWEQKGPHLSMAEEFKTLRSHFPSGQ
PFIFGPIDSDHYFLYFHSDVVQPSCSDDAQLSMTMYGLDRNQTKHWYSDKMLPTGPETAVIREATGLSEVVDDSWILHDL
QYEPCGYSINAIRGSEYQTIHITPEEHCSFASYETNTCALNYSKCICGVLRVFDPERFSVIVFIDPDSAVGKSYHSGGTI
GVEPEYYPNYEAHHRTVNEYTPGHWVLKVNYVKRAVGTVGTSAASGAKE
;
B,D
3 'polypeptide(L)'
;MSVTRINQQTECPSSVHDLVSCWGGCTQSKTSTDSGLEKRFELNFAQPVDIGTVTVKQLASVMERAGESLRQNSAELGIH
TLKFDRSLLVFTAKQIVVRSSVSVMLHEAVHPMLELMRSHNIIVDWASFMRVNYGSPWDMTSETSDIMAHEYAELKSAFP
TGHPYLAGPVDRDHCFYFVYDGIDRDPSSCRRENDVQINVYMYNVQADDEYDLDGNTKEQQLLVSHCAGEYETLRVSTYG
STHPFASFETNAVSAASDITKIVNGLLKKFYPERVLLVLLQDRDAQGTTACGVMDRLEGFTVVHRGANHFGGGYVFHQAT
YARSA
;
E,F
#
# COMPACT_ATOMS: atom_id res chain seq x y z
N LYS A 5 10.23 -3.22 6.52
CA LYS A 5 9.81 -3.68 7.85
C LYS A 5 10.80 -4.67 8.43
N ASP A 6 10.61 -5.01 9.70
CA ASP A 6 11.52 -5.93 10.36
C ASP A 6 11.24 -7.37 9.94
N SER A 7 12.26 -8.21 10.07
CA SER A 7 12.16 -9.58 9.59
C SER A 7 11.05 -10.34 10.30
N LEU A 8 10.92 -10.15 11.62
CA LEU A 8 9.91 -10.90 12.37
C LEU A 8 8.51 -10.54 11.91
N SER A 9 8.23 -9.24 11.73
CA SER A 9 6.93 -8.85 11.20
C SER A 9 6.77 -9.29 9.75
N LEU A 10 7.87 -9.39 9.01
CA LEU A 10 7.81 -9.94 7.65
C LEU A 10 7.35 -11.39 7.67
N MET A 11 7.89 -12.19 8.59
CA MET A 11 7.48 -13.58 8.70
C MET A 11 6.00 -13.68 9.07
N ALA A 12 5.56 -12.87 10.03
CA ALA A 12 4.17 -12.89 10.42
C ALA A 12 3.25 -12.50 9.27
N MET A 13 3.72 -11.62 8.39
CA MET A 13 2.90 -11.22 7.25
C MET A 13 2.74 -12.36 6.26
N TRP A 14 3.85 -13.05 5.95
CA TRP A 14 3.77 -14.16 4.99
C TRP A 14 2.80 -15.23 5.47
N GLY A 15 2.79 -15.51 6.78
CA GLY A 15 1.84 -16.46 7.31
C GLY A 15 0.40 -16.00 7.15
N SER A 16 0.17 -14.69 7.22
CA SER A 16 -1.16 -14.15 7.01
C SER A 16 -1.52 -14.13 5.52
N ILE A 17 -0.54 -13.91 4.65
CA ILE A 17 -0.79 -13.92 3.21
C ILE A 17 -1.24 -15.30 2.77
N ALA A 18 -0.56 -16.35 3.24
CA ALA A 18 -0.90 -17.71 2.85
C ALA A 18 -2.29 -18.11 3.29
N ARG A 19 -2.88 -17.38 4.26
CA ARG A 19 -4.23 -17.64 4.72
C ARG A 19 -5.21 -16.56 4.27
N PHE A 20 -4.82 -15.74 3.31
CA PHE A 20 -5.66 -14.64 2.84
C PHE A 20 -6.54 -15.09 1.68
N ASP A 21 -7.72 -14.47 1.58
CA ASP A 21 -8.70 -14.83 0.57
C ASP A 21 -9.58 -13.62 0.28
N PRO A 22 -9.38 -12.95 -0.86
CA PRO A 22 -10.31 -11.89 -1.27
C PRO A 22 -11.69 -12.42 -1.63
N SER A 27 -13.12 -7.98 5.02
CA SER A 27 -12.19 -8.63 5.93
C SER A 27 -11.94 -7.76 7.17
N PHE A 28 -12.54 -8.16 8.29
CA PHE A 28 -12.41 -7.46 9.55
C PHE A 28 -11.38 -8.14 10.45
N GLU A 29 -10.70 -7.34 11.25
CA GLU A 29 -9.65 -7.83 12.14
C GLU A 29 -10.28 -8.29 13.45
N GLY A 30 -10.45 -9.59 13.59
CA GLY A 30 -11.00 -10.17 14.80
C GLY A 30 -10.01 -10.18 15.96
N PRO A 31 -8.81 -10.71 15.72
CA PRO A 31 -7.78 -10.72 16.77
C PRO A 31 -7.62 -9.36 17.42
N GLU A 32 -7.51 -9.36 18.74
CA GLU A 32 -7.64 -8.15 19.55
C GLU A 32 -6.30 -7.73 20.13
N LYS A 33 -6.24 -6.45 20.50
CA LYS A 33 -5.16 -5.90 21.29
C LYS A 33 -5.62 -5.81 22.74
N ARG A 34 -4.71 -6.10 23.67
CA ARG A 34 -5.04 -6.12 25.09
C ARG A 34 -4.01 -5.30 25.86
N LEU A 35 -4.51 -4.34 26.65
CA LEU A 35 -3.67 -3.52 27.51
C LEU A 35 -4.13 -3.68 28.94
N GLU A 36 -3.18 -3.93 29.85
CA GLU A 36 -3.49 -4.07 31.26
C GLU A 36 -2.49 -3.25 32.07
N VAL A 37 -3.02 -2.43 32.98
CA VAL A 37 -2.21 -1.60 33.87
C VAL A 37 -2.68 -1.86 35.29
N ILE A 38 -1.75 -2.29 36.16
CA ILE A 38 -2.02 -2.50 37.57
C ILE A 38 -1.19 -1.49 38.36
N MET A 39 -1.83 -0.81 39.31
CA MET A 39 -1.19 0.22 40.10
C MET A 39 -0.92 -0.26 41.52
N ARG A 40 0.12 0.31 42.13
CA ARG A 40 0.40 0.08 43.53
C ARG A 40 -0.44 0.98 44.41
N VAL A 41 -0.72 0.49 45.62
CA VAL A 41 -1.46 1.25 46.62
C VAL A 41 -0.45 1.82 47.61
N VAL A 42 -0.54 3.13 47.85
CA VAL A 42 0.30 3.79 48.83
C VAL A 42 -0.58 4.27 49.97
N ASP A 43 0.02 4.98 50.94
CA ASP A 43 -0.76 5.46 52.08
C ASP A 43 -1.87 6.41 51.62
N GLY A 44 -1.57 7.29 50.67
CA GLY A 44 -2.53 8.27 50.20
C GLY A 44 -3.41 7.83 49.06
N THR A 45 -3.40 6.55 48.71
CA THR A 45 -4.24 6.07 47.62
C THR A 45 -5.72 6.13 48.02
N HIS A 46 -6.56 6.52 47.06
CA HIS A 46 -8.00 6.54 47.29
C HIS A 46 -8.48 5.15 47.70
N VAL A 47 -9.29 5.10 48.75
CA VAL A 47 -9.75 3.81 49.28
C VAL A 47 -10.49 3.02 48.21
N SER A 48 -11.07 3.71 47.23
CA SER A 48 -11.76 3.06 46.11
C SER A 48 -10.85 2.79 44.93
N GLY A 49 -9.60 3.24 44.98
CA GLY A 49 -8.69 2.99 43.87
C GLY A 49 -9.15 3.68 42.62
N LEU A 50 -9.04 2.97 41.49
CA LEU A 50 -9.46 3.53 40.20
C LEU A 50 -10.97 3.64 40.09
N LEU A 51 -11.72 2.92 40.94
CA LEU A 51 -13.17 3.03 40.94
C LEU A 51 -13.65 4.38 41.45
N ALA A 52 -12.75 5.19 42.03
CA ALA A 52 -13.14 6.53 42.47
C ALA A 52 -13.56 7.40 41.29
N HIS A 53 -12.96 7.20 40.12
CA HIS A 53 -13.30 7.99 38.95
C HIS A 53 -14.73 7.71 38.50
N ASP A 54 -15.36 8.72 37.91
CA ASP A 54 -16.66 8.56 37.29
C ASP A 54 -16.49 8.19 35.82
N ASP A 55 -17.61 7.88 35.17
CA ASP A 55 -17.57 7.49 33.76
C ASP A 55 -17.02 8.59 32.88
N ASP A 56 -16.98 9.84 33.37
CA ASP A 56 -16.36 10.92 32.59
C ASP A 56 -14.89 10.61 32.31
N VAL A 57 -14.18 10.08 33.30
CA VAL A 57 -12.75 9.81 33.14
C VAL A 57 -12.54 8.75 32.07
N TRP A 58 -13.28 7.64 32.17
CA TRP A 58 -13.07 6.54 31.25
C TRP A 58 -13.58 6.84 29.85
N GLN A 59 -14.55 7.76 29.71
CA GLN A 59 -15.01 8.14 28.38
C GLN A 59 -13.93 8.94 27.64
N LYS A 60 -13.21 9.81 28.36
CA LYS A 60 -12.12 10.55 27.72
C LYS A 60 -10.99 9.63 27.32
N VAL A 61 -10.78 8.53 28.06
CA VAL A 61 -9.78 7.55 27.67
C VAL A 61 -10.16 6.87 26.36
N ILE A 62 -11.42 6.48 26.24
CA ILE A 62 -11.88 5.81 25.02
C ILE A 62 -11.83 6.77 23.84
N ASP A 63 -12.00 8.07 24.08
CA ASP A 63 -11.91 9.03 22.98
C ASP A 63 -10.50 9.08 22.41
N ALA A 64 -9.49 8.88 23.24
CA ALA A 64 -8.10 8.92 22.76
C ALA A 64 -7.86 7.89 21.67
N ILE A 65 -8.62 6.80 21.67
CA ILE A 65 -8.47 5.74 20.67
C ILE A 65 -9.56 5.81 19.61
N CYS A 66 -10.39 6.86 19.63
CA CYS A 66 -11.40 7.08 18.59
C CYS A 66 -12.49 5.99 18.65
N ALA A 67 -12.99 5.74 19.85
CA ALA A 67 -14.10 4.82 20.07
C ALA A 67 -15.09 5.48 21.03
N HIS A 68 -16.13 4.75 21.40
CA HIS A 68 -17.12 5.28 22.32
C HIS A 68 -17.78 4.11 23.07
N ILE A 69 -18.36 4.44 24.22
CA ILE A 69 -19.04 3.46 25.05
C ILE A 69 -20.47 3.30 24.55
N VAL A 70 -20.94 2.05 24.49
CA VAL A 70 -22.31 1.76 24.08
C VAL A 70 -23.19 1.36 25.26
N SER A 71 -22.64 0.69 26.28
CA SER A 71 -23.41 0.28 27.44
C SER A 71 -22.47 0.17 28.63
N ARG A 72 -23.07 0.17 29.83
CA ARG A 72 -22.31 0.17 31.07
C ARG A 72 -22.96 -0.77 32.07
N GLU A 73 -22.12 -1.48 32.82
CA GLU A 73 -22.56 -2.28 33.95
C GLU A 73 -21.46 -2.27 34.99
N PHE A 74 -21.85 -2.07 36.25
CA PHE A 74 -20.90 -1.99 37.35
C PHE A 74 -21.39 -2.86 38.51
N ASN A 75 -20.45 -3.22 39.37
CA ASN A 75 -20.78 -3.83 40.65
C ASN A 75 -19.80 -3.28 41.68
N GLU A 76 -19.72 -3.93 42.83
CA GLU A 76 -18.91 -3.43 43.93
C GLU A 76 -17.43 -3.68 43.72
N TYR A 77 -17.03 -4.32 42.62
CA TYR A 77 -15.62 -4.64 42.40
C TYR A 77 -15.12 -4.19 41.03
N ILE A 78 -16.00 -4.11 40.04
CA ILE A 78 -15.55 -3.92 38.66
C ILE A 78 -16.57 -3.10 37.89
N ARG A 79 -16.06 -2.24 37.01
CA ARG A 79 -16.86 -1.48 36.06
C ARG A 79 -16.62 -2.06 34.67
N SER A 80 -17.71 -2.42 33.99
CA SER A 80 -17.64 -3.06 32.68
C SER A 80 -18.21 -2.12 31.63
N TYR A 81 -17.49 -1.96 30.53
CA TYR A 81 -17.93 -1.12 29.42
C TYR A 81 -17.80 -1.89 28.12
N VAL A 82 -18.82 -1.81 27.28
CA VAL A 82 -18.77 -2.30 25.91
C VAL A 82 -18.41 -1.14 25.00
N LEU A 83 -17.50 -1.38 24.06
CA LEU A 83 -16.98 -0.35 23.18
C LEU A 83 -17.27 -0.70 21.73
N SER A 84 -17.26 0.32 20.88
CA SER A 84 -17.48 0.14 19.46
C SER A 84 -16.75 1.23 18.70
N GLU A 85 -16.19 0.88 17.55
CA GLU A 85 -15.45 1.82 16.72
C GLU A 85 -16.31 3.04 16.38
N SER B 2 -13.67 -3.99 24.81
CA SER B 2 -14.11 -4.03 26.20
C SER B 2 -13.17 -3.23 27.08
N LEU B 3 -13.75 -2.60 28.11
CA LEU B 3 -12.98 -1.90 29.13
C LEU B 3 -13.44 -2.39 30.49
N PHE B 4 -12.53 -3.03 31.23
CA PHE B 4 -12.82 -3.51 32.57
C PHE B 4 -12.00 -2.68 33.54
N VAL B 5 -12.67 -1.90 34.38
CA VAL B 5 -12.04 -1.07 35.39
C VAL B 5 -12.29 -1.72 36.74
N MET B 6 -11.22 -1.99 37.47
CA MET B 6 -11.29 -2.59 38.79
C MET B 6 -10.64 -1.65 39.80
N LYS B 7 -10.61 -2.10 41.05
CA LYS B 7 -10.03 -1.29 42.12
C LYS B 7 -8.58 -0.95 41.82
N ASP B 8 -7.83 -1.89 41.28
CA ASP B 8 -6.38 -1.77 41.20
C ASP B 8 -5.83 -1.88 39.77
N ARG B 9 -6.68 -1.88 38.75
CA ARG B 9 -6.15 -2.08 37.40
C ARG B 9 -7.18 -1.64 36.36
N VAL B 10 -6.71 -1.59 35.12
CA VAL B 10 -7.54 -1.41 33.94
C VAL B 10 -7.20 -2.52 32.96
N ILE B 11 -8.21 -2.99 32.23
CA ILE B 11 -8.02 -3.99 31.18
C ILE B 11 -8.78 -3.48 29.96
N LEU B 12 -8.05 -3.06 28.95
CA LEU B 12 -8.64 -2.50 27.73
C LEU B 12 -8.41 -3.46 26.59
N ILE B 13 -9.50 -3.96 26.01
CA ILE B 13 -9.46 -4.89 24.89
C ILE B 13 -10.09 -4.20 23.69
N THR B 14 -9.38 -4.20 22.57
CA THR B 14 -9.85 -3.56 21.35
C THR B 14 -9.56 -4.47 20.16
N CYS B 15 -10.34 -4.29 19.10
CA CYS B 15 -10.15 -5.05 17.87
C CYS B 15 -10.11 -4.11 16.67
N GLY B 16 -10.21 -4.66 15.48
CA GLY B 16 -10.14 -3.83 14.29
C GLY B 16 -8.79 -3.16 14.17
N THR B 17 -8.83 -1.89 13.75
CA THR B 17 -7.62 -1.09 13.58
C THR B 17 -7.47 -0.02 14.66
N ILE B 18 -8.24 -0.12 15.75
CA ILE B 18 -8.14 0.86 16.83
C ILE B 18 -6.70 0.91 17.33
N THR B 19 -6.16 2.12 17.42
CA THR B 19 -4.80 2.33 17.94
C THR B 19 -4.89 2.37 19.46
N LEU B 20 -4.76 1.19 20.08
CA LEU B 20 -5.00 1.05 21.50
C LEU B 20 -4.01 1.87 22.33
N LEU B 21 -2.74 1.90 21.92
CA LEU B 21 -1.69 2.47 22.75
C LEU B 21 -1.80 3.98 22.91
N ASN B 22 -2.69 4.65 22.18
CA ASN B 22 -2.79 6.11 22.31
C ASN B 22 -3.33 6.53 23.68
N CYS B 23 -4.00 5.64 24.40
CA CYS B 23 -4.63 6.01 25.66
C CYS B 23 -3.72 5.81 26.87
N VAL B 24 -2.46 5.41 26.66
CA VAL B 24 -1.56 5.18 27.79
C VAL B 24 -1.36 6.45 28.61
N PRO B 25 -1.12 7.62 28.03
CA PRO B 25 -0.94 8.82 28.87
C PRO B 25 -2.10 9.09 29.81
N LEU B 26 -3.34 8.91 29.34
CA LEU B 26 -4.49 9.17 30.21
C LEU B 26 -4.65 8.11 31.28
N ILE B 27 -4.30 6.85 30.97
CA ILE B 27 -4.33 5.80 31.99
C ILE B 27 -3.33 6.14 33.10
N CYS B 28 -2.11 6.53 32.72
CA CYS B 28 -1.13 6.95 33.72
C CYS B 28 -1.67 8.11 34.55
N GLU B 29 -2.33 9.07 33.90
CA GLU B 29 -2.94 10.17 34.64
C GLU B 29 -4.05 9.66 35.55
N ALA B 30 -4.86 8.73 35.06
CA ALA B 30 -5.95 8.18 35.87
C ALA B 30 -5.41 7.50 37.12
N VAL B 31 -4.18 7.00 37.07
CA VAL B 31 -3.59 6.36 38.24
C VAL B 31 -3.02 7.40 39.20
N SER B 32 -2.50 8.52 38.68
CA SER B 32 -1.91 9.54 39.55
C SER B 32 -2.96 10.35 40.27
N THR B 33 -4.15 10.52 39.68
CA THR B 33 -5.20 11.29 40.34
C THR B 33 -5.61 10.66 41.66
N VAL B 34 -5.79 9.33 41.67
CA VAL B 34 -6.20 8.62 42.87
C VAL B 34 -4.97 8.28 43.72
N CYS B 35 -3.82 8.81 43.33
CA CYS B 35 -2.58 8.64 44.10
C CYS B 35 -2.12 7.19 44.10
N GLY B 36 -2.12 6.58 42.91
CA GLY B 36 -1.57 5.26 42.71
C GLY B 36 -0.26 5.34 41.93
N GLU B 37 0.43 4.19 41.88
CA GLU B 37 1.71 4.08 41.20
C GLU B 37 1.70 2.86 40.29
N VAL B 38 1.94 3.09 39.00
CA VAL B 38 2.01 1.98 38.05
C VAL B 38 3.13 1.03 38.46
N GLU B 39 2.79 -0.26 38.59
CA GLU B 39 3.79 -1.29 38.86
C GLU B 39 3.83 -2.41 37.85
N TRP B 40 2.84 -2.50 36.97
CA TRP B 40 2.72 -3.66 36.08
C TRP B 40 1.95 -3.23 34.86
N VAL B 41 2.57 -3.36 33.69
CA VAL B 41 1.93 -3.04 32.42
C VAL B 41 2.24 -4.18 31.46
N SER B 42 1.19 -4.67 30.79
CA SER B 42 1.34 -5.70 29.77
C SER B 42 0.57 -5.27 28.53
N PHE B 43 1.20 -5.39 27.37
CA PHE B 43 0.53 -5.23 26.09
C PHE B 43 0.67 -6.54 25.32
N MET B 44 -0.45 -7.03 24.80
CA MET B 44 -0.50 -8.37 24.23
C MET B 44 -1.48 -8.38 23.08
N HIS B 45 -1.20 -9.20 22.07
CA HIS B 45 -2.17 -9.45 21.02
C HIS B 45 -1.79 -10.70 20.26
N LYS B 46 -2.80 -11.51 19.94
CA LYS B 46 -2.64 -12.57 18.96
C LYS B 46 -2.17 -11.96 17.65
N ASN B 47 -1.41 -12.73 16.88
CA ASN B 47 -0.93 -12.25 15.60
C ASN B 47 -2.11 -11.80 14.74
N TYR B 48 -1.95 -10.65 14.09
CA TYR B 48 -3.03 -10.07 13.30
C TYR B 48 -3.23 -10.87 12.02
N SER B 49 -4.50 -11.07 11.66
CA SER B 49 -4.81 -11.77 10.42
C SER B 49 -4.52 -10.91 9.19
N PHE B 50 -4.52 -9.59 9.32
CA PHE B 50 -4.29 -8.67 8.20
C PHE B 50 -3.36 -7.55 8.67
N PRO B 51 -2.10 -7.89 8.96
CA PRO B 51 -1.19 -6.88 9.54
C PRO B 51 -0.96 -5.67 8.66
N TRP B 52 -1.10 -5.81 7.34
CA TRP B 52 -0.85 -4.70 6.43
C TRP B 52 -1.87 -3.58 6.55
N GLU B 53 -2.96 -3.79 7.31
CA GLU B 53 -3.99 -2.78 7.49
C GLU B 53 -3.93 -2.09 8.84
N GLN B 54 -3.08 -2.55 9.75
CA GLN B 54 -2.94 -1.91 11.04
C GLN B 54 -2.21 -0.57 10.89
N LYS B 55 -2.59 0.39 11.73
CA LYS B 55 -2.12 1.76 11.63
C LYS B 55 -1.24 2.12 12.82
N GLY B 56 -0.68 3.32 12.77
CA GLY B 56 0.09 3.86 13.86
C GLY B 56 1.22 2.93 14.28
N PRO B 57 1.39 2.73 15.59
CA PRO B 57 2.48 1.85 16.05
C PRO B 57 2.22 0.38 15.78
N HIS B 58 1.02 -0.01 15.38
CA HIS B 58 0.65 -1.42 15.29
C HIS B 58 0.94 -2.02 13.92
N LEU B 59 1.51 -1.27 12.99
CA LEU B 59 1.80 -1.82 11.66
C LEU B 59 2.93 -2.83 11.70
N SER B 60 3.71 -2.87 12.78
CA SER B 60 4.78 -3.84 12.91
C SER B 60 5.10 -4.02 14.39
N MET B 61 5.58 -5.22 14.74
CA MET B 61 5.96 -5.47 16.13
C MET B 61 7.12 -4.58 16.56
N ALA B 62 7.98 -4.17 15.62
CA ALA B 62 9.03 -3.23 15.96
C ALA B 62 8.46 -1.88 16.37
N GLU B 63 7.39 -1.44 15.69
CA GLU B 63 6.77 -0.17 16.03
C GLU B 63 6.07 -0.25 17.38
N GLU B 64 5.36 -1.35 17.64
CA GLU B 64 4.73 -1.54 18.95
C GLU B 64 5.79 -1.59 20.05
N PHE B 65 6.93 -2.24 19.77
CA PHE B 65 8.02 -2.30 20.72
C PHE B 65 8.60 -0.91 20.98
N LYS B 66 8.95 -0.19 19.91
CA LYS B 66 9.53 1.15 20.08
C LYS B 66 8.56 2.07 20.80
N THR B 67 7.28 2.03 20.44
CA THR B 67 6.29 2.89 21.09
C THR B 67 6.21 2.60 22.59
N LEU B 68 6.10 1.32 22.94
CA LEU B 68 6.03 0.97 24.35
C LEU B 68 7.33 1.27 25.07
N ARG B 69 8.47 1.15 24.39
CA ARG B 69 9.74 1.48 25.01
C ARG B 69 9.86 2.95 25.32
N SER B 70 9.22 3.81 24.53
CA SER B 70 9.27 5.25 24.79
C SER B 70 8.59 5.63 26.09
N HIS B 71 7.69 4.80 26.59
CA HIS B 71 6.99 5.02 27.85
C HIS B 71 7.49 4.13 28.98
N PHE B 72 7.84 2.88 28.68
CA PHE B 72 8.26 1.90 29.68
C PHE B 72 9.60 1.32 29.23
N PRO B 73 10.69 2.05 29.45
CA PRO B 73 11.98 1.64 28.86
C PRO B 73 12.47 0.27 29.32
N SER B 74 12.12 -0.17 30.52
CA SER B 74 12.62 -1.46 31.00
C SER B 74 11.77 -2.64 30.53
N GLY B 75 10.65 -2.39 29.87
CA GLY B 75 9.82 -3.48 29.40
C GLY B 75 10.57 -4.41 28.46
N GLN B 76 10.03 -5.62 28.30
CA GLN B 76 10.67 -6.65 27.50
C GLN B 76 9.64 -7.28 26.57
N PRO B 77 9.93 -7.40 25.28
CA PRO B 77 9.01 -8.10 24.36
C PRO B 77 9.29 -9.59 24.26
N PHE B 78 8.21 -10.34 23.98
CA PHE B 78 8.30 -11.77 23.76
C PHE B 78 7.40 -12.15 22.59
N ILE B 79 7.73 -13.25 21.93
CA ILE B 79 6.87 -13.84 20.91
C ILE B 79 6.76 -15.33 21.21
N PHE B 80 5.54 -15.81 21.46
CA PHE B 80 5.28 -17.19 21.81
C PHE B 80 4.65 -17.89 20.61
N GLY B 81 5.36 -18.85 20.04
CA GLY B 81 4.80 -19.70 19.00
C GLY B 81 5.38 -19.42 17.62
N PRO B 82 4.87 -20.14 16.62
CA PRO B 82 5.39 -19.96 15.26
C PRO B 82 5.10 -18.56 14.74
N ILE B 83 6.14 -17.89 14.25
CA ILE B 83 6.01 -16.49 13.90
C ILE B 83 5.24 -16.33 12.60
N ASP B 84 5.32 -17.31 11.69
CA ASP B 84 4.53 -17.29 10.47
C ASP B 84 3.23 -18.07 10.59
N SER B 85 2.79 -18.34 11.82
CA SER B 85 1.49 -18.95 12.07
C SER B 85 0.97 -18.42 13.40
N ASP B 86 0.08 -19.17 14.05
CA ASP B 86 -0.58 -18.70 15.26
C ASP B 86 0.44 -18.45 16.37
N HIS B 87 0.48 -17.22 16.87
CA HIS B 87 1.39 -16.87 17.95
C HIS B 87 0.90 -15.61 18.64
N TYR B 88 1.56 -15.27 19.74
CA TYR B 88 1.24 -14.10 20.55
C TYR B 88 2.46 -13.20 20.67
N PHE B 89 2.22 -11.89 20.61
CA PHE B 89 3.23 -10.88 20.92
C PHE B 89 2.93 -10.30 22.29
N LEU B 90 3.93 -10.23 23.15
CA LEU B 90 3.78 -9.72 24.50
C LEU B 90 4.86 -8.71 24.82
N TYR B 91 4.46 -7.59 25.41
CA TYR B 91 5.40 -6.61 25.97
C TYR B 91 5.06 -6.48 27.46
N PHE B 92 6.06 -6.70 28.31
CA PHE B 92 5.85 -6.78 29.74
C PHE B 92 6.76 -5.82 30.48
N HIS B 93 6.18 -4.92 31.26
CA HIS B 93 6.90 -4.00 32.12
C HIS B 93 6.44 -4.19 33.57
N SER B 94 7.40 -4.19 34.49
CA SER B 94 7.06 -4.29 35.91
C SER B 94 8.03 -3.47 36.73
N ASP B 95 7.49 -2.75 37.71
CA ASP B 95 8.29 -2.00 38.69
C ASP B 95 7.80 -2.37 40.09
N VAL B 96 7.92 -3.65 40.43
CA VAL B 96 7.48 -4.17 41.71
C VAL B 96 8.60 -3.92 42.72
N VAL B 97 8.47 -2.88 43.52
CA VAL B 97 9.47 -2.59 44.56
C VAL B 97 9.12 -3.29 45.87
N GLN B 98 7.85 -3.52 46.14
CA GLN B 98 7.41 -4.19 47.36
C GLN B 98 6.89 -5.58 47.00
N PRO B 99 7.61 -6.66 47.29
CA PRO B 99 7.09 -8.00 47.01
C PRO B 99 5.68 -8.17 47.56
N SER B 100 4.83 -8.84 46.78
CA SER B 100 3.42 -8.97 47.11
C SER B 100 3.00 -10.42 46.84
N CYS B 101 1.69 -10.65 46.88
CA CYS B 101 1.11 -11.97 46.66
C CYS B 101 0.31 -11.93 45.35
N SER B 102 0.74 -12.75 44.39
CA SER B 102 0.12 -12.78 43.06
C SER B 102 -0.78 -14.01 42.98
N ASP B 103 -2.10 -13.78 43.01
CA ASP B 103 -3.07 -14.86 42.96
C ASP B 103 -4.13 -14.62 41.88
N ASP B 104 -3.83 -13.80 40.88
CA ASP B 104 -4.77 -13.56 39.80
C ASP B 104 -4.78 -14.75 38.83
N ALA B 105 -5.62 -14.65 37.81
CA ALA B 105 -5.72 -15.65 36.77
C ALA B 105 -6.16 -14.99 35.48
N GLN B 106 -5.70 -15.53 34.36
CA GLN B 106 -6.05 -14.99 33.05
C GLN B 106 -6.09 -16.13 32.05
N LEU B 107 -7.23 -16.29 31.39
CA LEU B 107 -7.43 -17.32 30.38
C LEU B 107 -7.97 -16.63 29.13
N SER B 108 -7.22 -16.70 28.04
CA SER B 108 -7.63 -16.13 26.76
C SER B 108 -7.72 -17.23 25.71
N MET B 109 -8.70 -17.10 24.81
CA MET B 109 -8.88 -18.03 23.72
C MET B 109 -9.08 -17.27 22.42
N THR B 110 -8.45 -17.76 21.35
CA THR B 110 -8.64 -17.24 20.00
C THR B 110 -9.08 -18.39 19.12
N MET B 111 -10.21 -18.22 18.44
CA MET B 111 -10.82 -19.27 17.64
C MET B 111 -11.06 -18.76 16.23
N TYR B 112 -10.79 -19.63 15.24
CA TYR B 112 -10.96 -19.31 13.83
C TYR B 112 -11.82 -20.38 13.16
N GLY B 113 -12.39 -20.01 12.02
CA GLY B 113 -13.25 -20.93 11.28
C GLY B 113 -14.42 -21.42 12.11
N LEU B 114 -15.38 -20.53 12.37
CA LEU B 114 -16.47 -20.84 13.28
C LEU B 114 -17.55 -21.67 12.60
N ASP B 115 -18.35 -22.35 13.43
CA ASP B 115 -19.43 -23.18 12.93
C ASP B 115 -20.35 -22.37 12.02
N ARG B 116 -20.67 -22.94 10.85
CA ARG B 116 -21.48 -22.23 9.87
C ARG B 116 -22.94 -22.13 10.30
N ASN B 117 -23.46 -23.16 10.97
CA ASN B 117 -24.82 -23.09 11.51
C ASN B 117 -24.93 -22.02 12.59
N GLN B 118 -23.82 -21.68 13.24
CA GLN B 118 -23.85 -20.67 14.30
C GLN B 118 -23.72 -19.26 13.77
N THR B 119 -22.84 -19.04 12.78
CA THR B 119 -22.64 -17.71 12.23
C THR B 119 -23.95 -17.07 11.78
N LYS B 120 -24.96 -17.89 11.46
CA LYS B 120 -26.26 -17.34 11.06
C LYS B 120 -26.81 -16.42 12.14
N HIS B 121 -26.63 -16.77 13.41
CA HIS B 121 -27.24 -16.02 14.50
C HIS B 121 -26.45 -14.77 14.89
N TRP B 122 -25.22 -14.62 14.43
CA TRP B 122 -24.44 -13.41 14.70
C TRP B 122 -24.65 -12.34 13.64
N TYR B 123 -25.62 -12.51 12.76
CA TYR B 123 -25.96 -11.51 11.74
C TYR B 123 -27.25 -10.80 12.13
N SER B 124 -27.38 -9.56 11.68
CA SER B 124 -28.57 -8.76 11.98
C SER B 124 -28.52 -7.49 11.15
N ASP B 125 -29.67 -7.11 10.59
CA ASP B 125 -29.78 -5.90 9.79
C ASP B 125 -30.07 -4.66 10.62
N LYS B 126 -30.04 -4.77 11.94
CA LYS B 126 -30.29 -3.62 12.81
C LYS B 126 -29.47 -3.77 14.08
N MET B 127 -29.15 -2.63 14.69
CA MET B 127 -28.40 -2.61 15.93
C MET B 127 -29.29 -3.00 17.10
N LEU B 128 -28.79 -3.89 17.97
CA LEU B 128 -29.59 -4.44 19.07
C LEU B 128 -28.76 -4.45 20.34
N PRO B 129 -28.96 -3.50 21.25
CA PRO B 129 -28.33 -3.60 22.57
C PRO B 129 -28.87 -4.79 23.35
N THR B 130 -28.48 -4.91 24.62
CA THR B 130 -28.98 -5.99 25.46
C THR B 130 -30.49 -5.90 25.60
N GLY B 131 -31.21 -6.87 25.03
CA GLY B 131 -32.65 -6.91 25.12
C GLY B 131 -33.18 -8.29 24.80
N PRO B 132 -34.50 -8.40 24.63
CA PRO B 132 -35.08 -9.72 24.32
C PRO B 132 -34.51 -10.35 23.06
N GLU B 133 -34.13 -9.54 22.07
CA GLU B 133 -33.60 -10.11 20.83
C GLU B 133 -32.29 -10.84 21.07
N THR B 134 -31.37 -10.22 21.82
CA THR B 134 -30.09 -10.87 22.08
C THR B 134 -30.27 -12.12 22.95
N ALA B 135 -31.24 -12.11 23.86
CA ALA B 135 -31.52 -13.30 24.65
C ALA B 135 -31.82 -14.49 23.75
N VAL B 136 -32.55 -14.26 22.65
CA VAL B 136 -32.81 -15.33 21.69
C VAL B 136 -31.50 -15.82 21.09
N ILE B 137 -30.58 -14.89 20.79
CA ILE B 137 -29.30 -15.28 20.20
C ILE B 137 -28.49 -16.12 21.18
N ARG B 138 -28.49 -15.73 22.46
CA ARG B 138 -27.70 -16.45 23.45
C ARG B 138 -28.22 -17.88 23.64
N GLU B 139 -29.54 -18.05 23.61
CA GLU B 139 -30.10 -19.40 23.70
C GLU B 139 -29.96 -20.16 22.39
N ALA B 140 -30.13 -19.47 21.26
CA ALA B 140 -30.08 -20.13 19.96
C ALA B 140 -28.68 -20.62 19.63
N THR B 141 -27.64 -20.07 20.25
CA THR B 141 -26.26 -20.44 19.96
C THR B 141 -25.58 -21.22 21.08
N GLY B 142 -25.99 -21.00 22.33
CA GLY B 142 -25.38 -21.67 23.46
C GLY B 142 -24.63 -20.77 24.41
N LEU B 143 -24.59 -19.46 24.16
CA LEU B 143 -23.93 -18.54 25.08
C LEU B 143 -24.58 -18.55 26.46
N SER B 144 -25.84 -18.95 26.55
CA SER B 144 -26.51 -19.01 27.84
C SER B 144 -25.80 -19.96 28.80
N GLU B 145 -25.26 -21.06 28.27
CA GLU B 145 -24.53 -22.00 29.11
C GLU B 145 -23.22 -21.39 29.61
N VAL B 146 -22.51 -20.67 28.73
CA VAL B 146 -21.27 -20.03 29.14
C VAL B 146 -21.56 -18.90 30.13
N VAL B 147 -22.61 -18.14 29.89
CA VAL B 147 -22.96 -16.98 30.72
C VAL B 147 -24.37 -17.26 31.26
N ASP B 148 -24.43 -17.94 32.41
CA ASP B 148 -25.71 -18.33 32.99
C ASP B 148 -26.30 -17.16 33.78
N ASP B 149 -27.39 -17.42 34.50
CA ASP B 149 -28.13 -16.36 35.18
C ASP B 149 -27.34 -15.72 36.31
N SER B 150 -26.29 -16.38 36.81
CA SER B 150 -25.51 -15.84 37.92
C SER B 150 -24.55 -14.74 37.49
N TRP B 151 -24.54 -14.36 36.21
CA TRP B 151 -23.68 -13.30 35.71
C TRP B 151 -24.52 -12.10 35.30
N ILE B 152 -23.98 -10.91 35.55
CA ILE B 152 -24.54 -9.67 35.01
C ILE B 152 -23.95 -9.48 33.62
N LEU B 153 -24.79 -9.58 32.60
CA LEU B 153 -24.32 -9.51 31.22
C LEU B 153 -24.95 -8.33 30.50
N HIS B 154 -24.25 -7.82 29.49
CA HIS B 154 -24.79 -6.84 28.56
C HIS B 154 -24.04 -6.99 27.25
N ASP B 155 -24.77 -7.29 26.18
CA ASP B 155 -24.19 -7.61 24.89
C ASP B 155 -24.66 -6.62 23.83
N LEU B 156 -24.22 -6.83 22.61
CA LEU B 156 -24.57 -5.95 21.50
C LEU B 156 -24.45 -6.74 20.20
N GLN B 157 -25.56 -6.83 19.46
CA GLN B 157 -25.55 -7.44 18.13
C GLN B 157 -25.32 -6.33 17.10
N TYR B 158 -24.28 -6.48 16.29
CA TYR B 158 -23.88 -5.45 15.35
C TYR B 158 -24.59 -5.61 14.02
N GLU B 159 -24.55 -4.54 13.22
CA GLU B 159 -25.11 -4.54 11.88
C GLU B 159 -23.98 -4.26 10.88
N PRO B 160 -23.87 -5.06 9.81
CA PRO B 160 -24.71 -6.21 9.45
C PRO B 160 -24.38 -7.48 10.24
N CYS B 161 -23.19 -7.55 10.82
CA CYS B 161 -22.78 -8.71 11.59
C CYS B 161 -21.79 -8.28 12.66
N GLY B 162 -21.58 -9.16 13.63
CA GLY B 162 -20.71 -8.89 14.76
C GLY B 162 -21.45 -8.97 16.08
N TYR B 163 -20.82 -9.55 17.09
CA TYR B 163 -21.44 -9.73 18.40
C TYR B 163 -20.40 -9.55 19.50
N SER B 164 -20.78 -8.82 20.54
CA SER B 164 -19.95 -8.63 21.73
C SER B 164 -20.80 -8.88 22.96
N ILE B 165 -20.15 -9.33 24.03
CA ILE B 165 -20.82 -9.51 25.32
C ILE B 165 -19.79 -9.36 26.43
N ASN B 166 -20.20 -8.69 27.50
CA ASN B 166 -19.43 -8.60 28.73
C ASN B 166 -20.26 -9.19 29.87
N ALA B 167 -19.59 -9.95 30.73
CA ALA B 167 -20.24 -10.55 31.89
C ALA B 167 -19.38 -10.34 33.12
N ILE B 168 -20.02 -10.10 34.26
CA ILE B 168 -19.31 -9.86 35.52
C ILE B 168 -20.07 -10.57 36.64
N ARG B 169 -19.31 -11.07 37.61
CA ARG B 169 -19.88 -11.77 38.77
C ARG B 169 -18.91 -11.60 39.93
N GLY B 170 -19.24 -10.68 40.84
CA GLY B 170 -18.31 -10.32 41.90
C GLY B 170 -17.10 -9.60 41.33
N SER B 171 -15.92 -10.13 41.59
CA SER B 171 -14.69 -9.57 41.04
C SER B 171 -14.25 -10.25 39.74
N GLU B 172 -14.94 -11.28 39.31
CA GLU B 172 -14.60 -11.99 38.09
C GLU B 172 -15.34 -11.38 36.90
N TYR B 173 -14.77 -11.55 35.70
CA TYR B 173 -15.37 -11.04 34.49
C TYR B 173 -15.26 -12.10 33.39
N GLN B 174 -15.95 -11.81 32.29
CA GLN B 174 -16.05 -12.74 31.17
C GLN B 174 -16.43 -11.92 29.93
N THR B 175 -15.72 -12.12 28.83
CA THR B 175 -15.98 -11.36 27.62
C THR B 175 -15.81 -12.23 26.39
N ILE B 176 -16.64 -11.98 25.39
CA ILE B 176 -16.60 -12.69 24.11
C ILE B 176 -16.85 -11.69 23.00
N HIS B 177 -16.12 -11.86 21.88
CA HIS B 177 -16.30 -11.03 20.70
C HIS B 177 -16.21 -11.91 19.47
N ILE B 178 -17.16 -11.77 18.55
CA ILE B 178 -17.35 -12.69 17.45
C ILE B 178 -17.29 -11.93 16.14
N THR B 179 -16.56 -12.47 15.17
CA THR B 179 -16.56 -11.98 13.79
C THR B 179 -17.02 -13.14 12.91
N PRO B 180 -18.26 -13.13 12.41
CA PRO B 180 -18.80 -14.35 11.79
C PRO B 180 -18.60 -14.49 10.29
N GLU B 181 -18.05 -13.50 9.60
CA GLU B 181 -17.82 -13.62 8.16
C GLU B 181 -17.13 -14.95 7.85
N GLU B 182 -17.62 -15.63 6.82
CA GLU B 182 -17.10 -16.95 6.49
C GLU B 182 -15.61 -16.89 6.17
N HIS B 183 -15.20 -15.92 5.35
CA HIS B 183 -13.82 -15.87 4.87
C HIS B 183 -12.83 -15.38 5.92
N CYS B 184 -13.29 -14.86 7.05
CA CYS B 184 -12.40 -14.43 8.14
C CYS B 184 -13.05 -14.71 9.49
N SER B 185 -13.62 -15.91 9.63
CA SER B 185 -14.34 -16.26 10.84
C SER B 185 -13.42 -16.26 12.04
N PHE B 186 -13.81 -15.56 13.10
CA PHE B 186 -13.00 -15.46 14.30
C PHE B 186 -13.89 -15.21 15.51
N ALA B 187 -13.48 -15.77 16.66
CA ALA B 187 -14.16 -15.54 17.93
C ALA B 187 -13.11 -15.53 19.03
N SER B 188 -13.35 -14.71 20.06
CA SER B 188 -12.43 -14.56 21.17
C SER B 188 -13.16 -14.77 22.49
N TYR B 189 -12.41 -15.26 23.48
CA TYR B 189 -12.94 -15.44 24.83
C TYR B 189 -11.85 -15.13 25.83
N GLU B 190 -12.21 -14.40 26.89
CA GLU B 190 -11.27 -14.12 27.96
C GLU B 190 -12.02 -14.08 29.28
N THR B 191 -11.32 -14.47 30.34
CA THR B 191 -11.88 -14.44 31.70
C THR B 191 -10.73 -14.44 32.69
N ASN B 192 -11.01 -13.96 33.90
CA ASN B 192 -10.07 -13.98 34.99
C ASN B 192 -10.55 -14.89 36.13
N THR B 193 -11.38 -15.87 35.79
CA THR B 193 -11.95 -16.75 36.80
C THR B 193 -10.89 -17.63 37.42
N CYS B 194 -11.01 -17.84 38.72
CA CYS B 194 -10.17 -18.80 39.42
C CYS B 194 -10.77 -20.19 39.29
N ALA B 195 -9.96 -21.14 38.82
CA ALA B 195 -10.43 -22.50 38.63
C ALA B 195 -9.22 -23.44 38.62
N LEU B 196 -9.36 -24.57 39.31
CA LEU B 196 -8.31 -25.58 39.32
C LEU B 196 -8.16 -26.28 37.98
N ASN B 197 -9.13 -26.14 37.09
CA ASN B 197 -9.11 -26.83 35.80
C ASN B 197 -10.00 -26.07 34.84
N TYR B 198 -9.44 -25.62 33.71
CA TYR B 198 -10.17 -24.83 32.74
C TYR B 198 -10.86 -25.67 31.68
N SER B 199 -10.77 -27.00 31.74
CA SER B 199 -11.27 -27.84 30.67
C SER B 199 -12.76 -27.58 30.42
N LYS B 200 -13.57 -27.58 31.48
CA LYS B 200 -15.00 -27.37 31.31
C LYS B 200 -15.29 -25.96 30.81
N CYS B 201 -14.58 -24.97 31.32
CA CYS B 201 -14.72 -23.61 30.81
C CYS B 201 -14.38 -23.55 29.33
N ILE B 202 -13.24 -24.13 28.95
CA ILE B 202 -12.81 -24.10 27.55
C ILE B 202 -13.76 -24.89 26.68
N CYS B 203 -14.10 -26.12 27.11
CA CYS B 203 -15.00 -26.95 26.32
C CYS B 203 -16.36 -26.28 26.15
N GLY B 204 -16.83 -25.59 27.17
CA GLY B 204 -18.08 -24.85 27.04
C GLY B 204 -18.03 -23.84 25.91
N VAL B 205 -16.89 -23.15 25.76
CA VAL B 205 -16.75 -22.20 24.67
C VAL B 205 -16.63 -22.92 23.33
N LEU B 206 -15.88 -24.03 23.30
CA LEU B 206 -15.72 -24.78 22.06
C LEU B 206 -17.04 -25.36 21.58
N ARG B 207 -17.93 -25.74 22.50
CA ARG B 207 -19.24 -26.25 22.10
C ARG B 207 -20.02 -25.20 21.31
N VAL B 208 -19.88 -23.92 21.70
CA VAL B 208 -20.58 -22.85 21.00
C VAL B 208 -20.04 -22.72 19.58
N PHE B 209 -18.71 -22.67 19.44
CA PHE B 209 -18.08 -22.30 18.18
C PHE B 209 -17.55 -23.49 17.39
N ASP B 210 -17.03 -24.51 18.06
CA ASP B 210 -16.47 -25.69 17.41
C ASP B 210 -15.54 -25.28 16.26
N PRO B 211 -14.47 -24.54 16.56
CA PRO B 211 -13.66 -23.96 15.50
C PRO B 211 -12.71 -24.96 14.84
N GLU B 212 -12.31 -24.63 13.62
CA GLU B 212 -11.33 -25.45 12.92
C GLU B 212 -10.00 -25.47 13.67
N ARG B 213 -9.63 -24.34 14.25
CA ARG B 213 -8.42 -24.26 15.06
C ARG B 213 -8.65 -23.20 16.13
N PHE B 214 -7.85 -23.27 17.19
CA PHE B 214 -7.92 -22.27 18.25
C PHE B 214 -6.64 -22.31 19.07
N SER B 215 -6.35 -21.19 19.72
CA SER B 215 -5.22 -21.07 20.62
C SER B 215 -5.73 -20.68 22.00
N VAL B 216 -5.08 -21.21 23.03
CA VAL B 216 -5.40 -20.87 24.42
C VAL B 216 -4.11 -20.51 25.12
N ILE B 217 -4.10 -19.36 25.79
CA ILE B 217 -2.94 -18.90 26.54
C ILE B 217 -3.36 -18.69 27.99
N VAL B 218 -2.53 -19.14 28.91
CA VAL B 218 -2.85 -19.15 30.34
C VAL B 218 -1.69 -18.50 31.09
N PHE B 219 -1.97 -17.39 31.77
CA PHE B 219 -0.99 -16.76 32.65
C PHE B 219 -1.19 -17.29 34.06
N ILE B 220 -0.11 -17.86 34.62
CA ILE B 220 -0.16 -18.54 35.90
C ILE B 220 0.60 -17.70 36.92
N ASP B 221 -0.08 -17.28 37.97
CA ASP B 221 0.60 -16.61 39.07
C ASP B 221 1.01 -17.61 40.14
N PRO B 222 2.08 -17.33 40.88
CA PRO B 222 2.59 -18.33 41.83
C PRO B 222 1.65 -18.63 42.98
N ASP B 223 0.88 -17.65 43.45
CA ASP B 223 0.07 -17.80 44.65
C ASP B 223 -1.40 -18.06 44.35
N SER B 224 -1.75 -18.38 43.10
CA SER B 224 -3.13 -18.64 42.72
C SER B 224 -3.44 -20.13 42.85
N ALA B 225 -4.74 -20.44 42.84
CA ALA B 225 -5.17 -21.83 42.91
C ALA B 225 -4.59 -22.64 41.76
N VAL B 226 -4.79 -22.17 40.53
CA VAL B 226 -4.21 -22.85 39.37
C VAL B 226 -2.69 -22.86 39.46
N GLY B 227 -2.10 -21.86 40.11
CA GLY B 227 -0.66 -21.83 40.26
C GLY B 227 -0.14 -22.96 41.12
N LYS B 228 -0.78 -23.18 42.27
CA LYS B 228 -0.37 -24.29 43.13
C LYS B 228 -0.58 -25.63 42.43
N SER B 229 -1.67 -25.76 41.67
CA SER B 229 -1.93 -26.99 40.95
C SER B 229 -0.89 -27.22 39.86
N TYR B 230 -0.58 -26.19 39.09
CA TYR B 230 0.39 -26.32 38.00
C TYR B 230 1.77 -26.66 38.55
N HIS B 231 2.19 -25.99 39.62
CA HIS B 231 3.51 -26.20 40.20
C HIS B 231 3.60 -27.46 41.05
N SER B 232 2.57 -28.32 41.02
CA SER B 232 2.59 -29.59 41.74
C SER B 232 2.24 -30.75 40.81
N GLY B 233 2.58 -30.62 39.53
CA GLY B 233 2.31 -31.67 38.57
C GLY B 233 0.86 -31.88 38.21
N GLY B 234 -0.03 -31.00 38.66
CA GLY B 234 -1.45 -31.19 38.41
C GLY B 234 -1.87 -30.65 37.04
N THR B 235 -2.92 -31.26 36.50
CA THR B 235 -3.50 -30.80 35.25
C THR B 235 -4.30 -29.53 35.48
N ILE B 236 -4.30 -28.64 34.49
CA ILE B 236 -4.93 -27.34 34.60
C ILE B 236 -6.06 -27.15 33.59
N GLY B 237 -6.30 -28.12 32.70
CA GLY B 237 -7.41 -28.06 31.78
C GLY B 237 -7.06 -27.71 30.35
N VAL B 238 -5.79 -27.55 30.02
CA VAL B 238 -5.36 -27.26 28.65
C VAL B 238 -4.63 -28.43 28.01
N GLU B 239 -4.53 -29.56 28.70
CA GLU B 239 -3.78 -30.69 28.17
C GLU B 239 -4.52 -31.33 27.00
N PRO B 240 -3.81 -32.04 26.12
CA PRO B 240 -4.47 -32.57 24.91
C PRO B 240 -5.58 -33.55 25.20
N GLU B 241 -5.54 -34.22 26.35
CA GLU B 241 -6.54 -35.25 26.65
C GLU B 241 -7.95 -34.69 26.66
N TYR B 242 -8.11 -33.41 27.05
CA TYR B 242 -9.43 -32.81 27.14
C TYR B 242 -10.01 -32.41 25.80
N TYR B 243 -9.30 -32.65 24.69
CA TYR B 243 -9.74 -32.23 23.36
C TYR B 243 -9.42 -33.34 22.37
N PRO B 244 -10.17 -34.45 22.42
CA PRO B 244 -9.87 -35.58 21.54
C PRO B 244 -10.08 -35.27 20.07
N ASN B 245 -11.02 -34.39 19.73
CA ASN B 245 -11.24 -34.02 18.34
C ASN B 245 -10.22 -33.01 17.83
N TYR B 246 -9.29 -32.56 18.67
CA TYR B 246 -8.28 -31.59 18.29
C TYR B 246 -6.90 -32.19 18.45
N GLU B 247 -5.97 -31.72 17.62
CA GLU B 247 -4.57 -32.15 17.66
C GLU B 247 -3.71 -30.95 18.03
N ALA B 248 -2.91 -31.10 19.07
CA ALA B 248 -2.01 -30.03 19.48
C ALA B 248 -0.87 -29.91 18.49
N HIS B 249 -0.67 -28.71 17.95
CA HIS B 249 0.37 -28.46 16.95
C HIS B 249 1.64 -27.86 17.53
N HIS B 250 1.52 -26.91 18.46
CA HIS B 250 2.69 -26.35 19.11
C HIS B 250 2.30 -25.78 20.45
N ARG B 251 3.22 -25.87 21.41
CA ARG B 251 2.97 -25.44 22.77
C ARG B 251 4.22 -24.76 23.33
N THR B 252 4.02 -23.68 24.08
CA THR B 252 5.12 -22.92 24.65
C THR B 252 4.91 -22.74 26.14
N VAL B 253 6.02 -22.68 26.88
CA VAL B 253 6.02 -22.43 28.32
C VAL B 253 7.13 -21.44 28.61
N ASN B 254 6.80 -20.33 29.27
CA ASN B 254 7.77 -19.27 29.53
C ASN B 254 7.56 -18.67 30.90
N GLU B 255 8.65 -18.55 31.66
CA GLU B 255 8.67 -17.76 32.88
C GLU B 255 9.13 -16.35 32.50
N TYR B 256 8.18 -15.56 32.00
CA TYR B 256 8.54 -14.25 31.46
C TYR B 256 9.09 -13.32 32.54
N THR B 257 8.64 -13.48 33.78
CA THR B 257 9.20 -12.76 34.91
C THR B 257 9.29 -13.71 36.09
N PRO B 258 10.23 -13.50 37.00
CA PRO B 258 10.43 -14.48 38.09
C PRO B 258 9.12 -14.83 38.79
N GLY B 259 8.88 -16.13 38.95
CA GLY B 259 7.72 -16.62 39.65
C GLY B 259 6.43 -16.65 38.84
N HIS B 260 6.40 -16.01 37.68
CA HIS B 260 5.20 -15.97 36.85
C HIS B 260 5.44 -16.68 35.54
N TRP B 261 4.46 -17.48 35.11
CA TRP B 261 4.58 -18.33 33.94
C TRP B 261 3.41 -18.08 33.00
N VAL B 262 3.61 -18.41 31.73
CA VAL B 262 2.57 -18.34 30.72
C VAL B 262 2.66 -19.59 29.86
N LEU B 263 1.49 -20.19 29.57
CA LEU B 263 1.39 -21.37 28.73
C LEU B 263 0.50 -21.04 27.54
N LYS B 264 0.97 -21.40 26.34
CA LYS B 264 0.20 -21.23 25.12
C LYS B 264 0.19 -22.55 24.37
N VAL B 265 -0.96 -22.86 23.77
CA VAL B 265 -1.13 -24.08 22.99
C VAL B 265 -1.96 -23.75 21.75
N ASN B 266 -1.52 -24.23 20.59
CA ASN B 266 -2.31 -24.16 19.37
C ASN B 266 -2.94 -25.51 19.10
N TYR B 267 -4.26 -25.52 18.86
CA TYR B 267 -5.00 -26.73 18.56
C TYR B 267 -5.60 -26.61 17.17
N VAL B 268 -5.49 -27.69 16.39
CA VAL B 268 -6.07 -27.78 15.07
C VAL B 268 -6.99 -28.98 15.03
N LYS B 269 -8.19 -28.81 14.51
CA LYS B 269 -9.15 -29.89 14.45
C LYS B 269 -8.66 -30.98 13.52
N ARG B 270 -8.90 -32.23 13.91
CA ARG B 270 -8.53 -33.37 13.08
C ARG B 270 -9.55 -33.57 11.97
N ALA B 271 -9.14 -34.32 10.95
CA ALA B 271 -10.02 -34.64 9.84
C ALA B 271 -10.84 -35.88 10.15
N LYS C 5 3.34 0.90 -11.58
CA LYS C 5 2.46 1.93 -12.14
C LYS C 5 3.17 2.71 -13.24
N ASP C 6 2.42 3.10 -14.27
CA ASP C 6 2.99 3.80 -15.40
C ASP C 6 3.46 5.20 -14.99
N SER C 7 4.25 5.82 -15.86
CA SER C 7 4.84 7.12 -15.54
C SER C 7 3.79 8.21 -15.50
N LEU C 8 2.79 8.13 -16.37
CA LEU C 8 1.74 9.16 -16.41
C LEU C 8 0.93 9.16 -15.12
N SER C 9 0.48 7.98 -14.69
CA SER C 9 -0.20 7.87 -13.40
C SER C 9 0.74 8.27 -12.26
N LEU C 10 2.04 8.03 -12.43
CA LEU C 10 3.01 8.43 -11.41
C LEU C 10 3.08 9.96 -11.28
N MET C 11 3.08 10.67 -12.42
CA MET C 11 3.04 12.13 -12.36
C MET C 11 1.73 12.61 -11.77
N ALA C 12 0.63 11.95 -12.10
CA ALA C 12 -0.66 12.36 -11.58
C ALA C 12 -0.72 12.17 -10.07
N MET C 13 -0.10 11.11 -9.55
CA MET C 13 -0.11 10.90 -8.10
C MET C 13 0.72 11.94 -7.37
N TRP C 14 1.86 12.33 -7.95
CA TRP C 14 2.69 13.33 -7.29
C TRP C 14 1.93 14.64 -7.12
N GLY C 15 1.13 15.02 -8.13
CA GLY C 15 0.28 16.18 -7.98
C GLY C 15 -0.71 16.01 -6.84
N SER C 16 -1.34 14.84 -6.75
CA SER C 16 -2.27 14.58 -5.66
C SER C 16 -1.57 14.55 -4.31
N ILE C 17 -0.34 14.02 -4.28
CA ILE C 17 0.42 13.99 -3.04
C ILE C 17 0.74 15.40 -2.57
N ALA C 18 1.19 16.26 -3.50
CA ALA C 18 1.54 17.61 -3.13
C ALA C 18 0.33 18.39 -2.60
N ARG C 19 -0.87 18.00 -3.02
CA ARG C 19 -2.09 18.61 -2.50
C ARG C 19 -2.66 17.85 -1.32
N PHE C 20 -2.09 16.70 -0.96
CA PHE C 20 -2.67 15.86 0.07
C PHE C 20 -2.68 16.59 1.41
N ASP C 21 -3.86 16.63 2.04
CA ASP C 21 -4.03 17.25 3.35
C ASP C 21 -3.99 16.14 4.40
N PRO C 22 -2.85 15.88 5.03
CA PRO C 22 -2.79 14.80 6.03
C PRO C 22 -3.49 15.21 7.32
N LYS C 23 -3.48 14.33 8.32
CA LYS C 23 -4.01 14.58 9.65
C LYS C 23 -5.53 14.56 9.70
N HIS C 24 -6.21 14.29 8.59
CA HIS C 24 -7.66 14.35 8.54
C HIS C 24 -8.26 12.96 8.55
N GLU C 25 -9.33 12.79 9.32
CA GLU C 25 -9.98 11.49 9.48
C GLU C 25 -10.72 11.15 8.19
N ARG C 26 -9.98 10.59 7.24
CA ARG C 26 -10.56 10.07 6.00
C ARG C 26 -10.88 11.19 5.03
N SER C 27 -10.79 10.90 3.73
CA SER C 27 -11.07 11.87 2.68
C SER C 27 -11.88 11.20 1.58
N PHE C 28 -12.96 11.85 1.17
CA PHE C 28 -13.87 11.28 0.18
C PHE C 28 -13.52 11.77 -1.22
N GLU C 29 -13.61 10.87 -2.19
CA GLU C 29 -13.26 11.18 -3.58
C GLU C 29 -14.46 11.85 -4.25
N GLY C 30 -14.39 13.17 -4.37
CA GLY C 30 -15.44 13.92 -5.04
C GLY C 30 -15.42 13.74 -6.54
N PRO C 31 -14.27 13.95 -7.17
CA PRO C 31 -14.17 13.78 -8.63
C PRO C 31 -14.80 12.47 -9.09
N GLU C 32 -15.52 12.55 -10.21
CA GLU C 32 -16.41 11.48 -10.64
C GLU C 32 -15.87 10.78 -11.87
N LYS C 33 -16.41 9.58 -12.10
CA LYS C 33 -16.21 8.83 -13.32
C LYS C 33 -17.48 8.89 -14.15
N ARG C 34 -17.33 9.10 -15.45
CA ARG C 34 -18.46 9.28 -16.35
C ARG C 34 -18.35 8.28 -17.51
N LEU C 35 -19.37 7.45 -17.66
CA LEU C 35 -19.47 6.51 -18.78
C LEU C 35 -20.69 6.88 -19.60
N GLU C 36 -20.49 7.04 -20.91
CA GLU C 36 -21.59 7.32 -21.83
C GLU C 36 -21.55 6.34 -22.98
N VAL C 37 -22.70 5.76 -23.30
CA VAL C 37 -22.84 4.79 -24.38
C VAL C 37 -24.03 5.22 -25.22
N ILE C 38 -23.78 5.61 -26.47
CA ILE C 38 -24.83 5.96 -27.42
C ILE C 38 -24.96 4.81 -28.41
N MET C 39 -26.18 4.33 -28.60
CA MET C 39 -26.45 3.24 -29.52
C MET C 39 -27.01 3.78 -30.84
N ARG C 40 -26.80 3.01 -31.90
CA ARG C 40 -27.32 3.34 -33.21
C ARG C 40 -28.72 2.76 -33.38
N VAL C 41 -29.57 3.49 -34.10
CA VAL C 41 -30.95 3.08 -34.32
C VAL C 41 -31.01 2.37 -35.66
N VAL C 42 -31.24 1.05 -35.62
CA VAL C 42 -31.22 0.23 -36.83
C VAL C 42 -32.64 -0.11 -37.27
N ASP C 43 -32.75 -0.99 -38.26
CA ASP C 43 -34.05 -1.51 -38.66
C ASP C 43 -34.48 -2.58 -37.66
N GLY C 44 -35.57 -2.32 -36.94
CA GLY C 44 -36.06 -3.21 -35.90
C GLY C 44 -35.83 -2.72 -34.49
N THR C 45 -35.12 -1.60 -34.33
CA THR C 45 -34.93 -1.04 -32.99
C THR C 45 -36.27 -0.73 -32.36
N HIS C 46 -36.39 -1.08 -31.07
CA HIS C 46 -37.62 -0.82 -30.33
C HIS C 46 -38.06 0.62 -30.53
N VAL C 47 -39.38 0.81 -30.66
CA VAL C 47 -39.92 2.14 -30.90
C VAL C 47 -39.48 3.10 -29.79
N SER C 48 -39.59 2.67 -28.54
CA SER C 48 -39.15 3.47 -27.41
C SER C 48 -37.64 3.46 -27.24
N GLY C 49 -36.90 2.82 -28.14
CA GLY C 49 -35.46 2.79 -28.02
C GLY C 49 -35.04 2.09 -26.73
N LEU C 50 -34.14 2.73 -26.00
CA LEU C 50 -33.60 2.15 -24.78
C LEU C 50 -34.50 2.37 -23.57
N LEU C 51 -35.59 3.12 -23.73
CA LEU C 51 -36.54 3.34 -22.65
C LEU C 51 -37.51 2.18 -22.47
N ALA C 52 -37.45 1.16 -23.33
CA ALA C 52 -38.33 0.00 -23.19
C ALA C 52 -38.07 -0.75 -21.90
N HIS C 53 -36.87 -0.65 -21.35
CA HIS C 53 -36.51 -1.40 -20.15
C HIS C 53 -37.15 -0.80 -18.91
N ASP C 54 -37.66 -1.66 -18.03
CA ASP C 54 -38.17 -1.22 -16.74
C ASP C 54 -37.01 -1.04 -15.76
N ASP C 55 -37.33 -0.47 -14.59
CA ASP C 55 -36.31 -0.22 -13.59
C ASP C 55 -35.59 -1.49 -13.16
N ASP C 56 -36.19 -2.66 -13.39
CA ASP C 56 -35.53 -3.92 -13.03
C ASP C 56 -34.22 -4.07 -13.79
N VAL C 57 -34.21 -3.74 -15.07
CA VAL C 57 -33.00 -3.86 -15.88
C VAL C 57 -31.91 -2.96 -15.32
N TRP C 58 -32.20 -1.67 -15.16
CA TRP C 58 -31.20 -0.74 -14.68
C TRP C 58 -30.81 -1.01 -13.23
N GLN C 59 -31.67 -1.66 -12.46
CA GLN C 59 -31.29 -2.05 -11.10
C GLN C 59 -30.15 -3.06 -11.14
N LYS C 60 -30.21 -4.02 -12.07
CA LYS C 60 -29.14 -5.00 -12.19
C LYS C 60 -27.85 -4.37 -12.67
N VAL C 61 -27.95 -3.36 -13.54
CA VAL C 61 -26.76 -2.62 -13.96
C VAL C 61 -26.08 -1.99 -12.75
N ILE C 62 -26.87 -1.33 -11.90
CA ILE C 62 -26.32 -0.66 -10.72
C ILE C 62 -25.76 -1.67 -9.74
N ASP C 63 -26.30 -2.89 -9.71
CA ASP C 63 -25.79 -3.91 -8.79
C ASP C 63 -24.38 -4.35 -9.18
N ALA C 64 -24.05 -4.32 -10.48
CA ALA C 64 -22.72 -4.71 -10.92
C ALA C 64 -21.63 -3.80 -10.37
N ILE C 65 -21.98 -2.57 -10.00
CA ILE C 65 -21.02 -1.62 -9.44
C ILE C 65 -21.17 -1.47 -7.93
N CYS C 66 -21.90 -2.39 -7.29
CA CYS C 66 -22.05 -2.39 -5.84
C CYS C 66 -22.69 -1.10 -5.34
N ALA C 67 -23.76 -0.68 -6.02
CA ALA C 67 -24.52 0.50 -5.66
C ALA C 67 -26.01 0.16 -5.68
N HIS C 68 -26.84 1.16 -5.43
CA HIS C 68 -28.28 0.97 -5.46
C HIS C 68 -28.95 2.31 -5.68
N ILE C 69 -30.17 2.26 -6.21
CA ILE C 69 -30.95 3.46 -6.50
C ILE C 69 -31.64 3.93 -5.22
N VAL C 70 -31.79 5.24 -5.09
CA VAL C 70 -32.46 5.85 -3.94
C VAL C 70 -33.77 6.52 -4.34
N SER C 71 -33.81 7.13 -5.53
CA SER C 71 -35.03 7.78 -6.00
C SER C 71 -35.04 7.75 -7.53
N ARG C 72 -36.22 8.00 -8.09
CA ARG C 72 -36.43 7.92 -9.53
C ARG C 72 -37.34 9.06 -9.97
N GLU C 73 -37.15 9.47 -11.22
CA GLU C 73 -38.03 10.46 -11.85
C GLU C 73 -38.04 10.19 -13.35
N PHE C 74 -39.23 9.98 -13.90
CA PHE C 74 -39.38 9.60 -15.30
C PHE C 74 -39.80 10.82 -16.13
N ASN C 75 -39.73 10.65 -17.45
CA ASN C 75 -40.03 11.70 -18.40
C ASN C 75 -40.26 11.08 -19.76
N GLU C 76 -40.99 11.80 -20.61
CA GLU C 76 -41.21 11.31 -21.97
C GLU C 76 -39.89 11.05 -22.68
N TYR C 77 -38.86 11.84 -22.36
CA TYR C 77 -37.57 11.77 -23.04
C TYR C 77 -36.53 10.94 -22.28
N ILE C 78 -36.45 11.10 -20.96
CA ILE C 78 -35.29 10.64 -20.21
C ILE C 78 -35.72 10.02 -18.89
N ARG C 79 -34.95 9.02 -18.46
CA ARG C 79 -35.08 8.44 -17.14
C ARG C 79 -33.94 8.94 -16.26
N SER C 80 -34.23 9.20 -14.99
CA SER C 80 -33.26 9.77 -14.06
C SER C 80 -33.25 8.98 -12.78
N TYR C 81 -32.05 8.62 -12.31
CA TYR C 81 -31.88 7.87 -11.08
C TYR C 81 -30.79 8.51 -10.25
N VAL C 82 -31.03 8.63 -8.94
CA VAL C 82 -30.02 9.03 -7.98
C VAL C 82 -29.43 7.77 -7.36
N LEU C 83 -28.11 7.75 -7.21
CA LEU C 83 -27.41 6.57 -6.74
C LEU C 83 -26.63 6.89 -5.47
N SER C 84 -26.35 5.85 -4.70
CA SER C 84 -25.61 6.00 -3.44
C SER C 84 -24.76 4.75 -3.22
N GLU C 85 -23.49 4.95 -2.95
CA GLU C 85 -22.57 3.84 -2.71
C GLU C 85 -23.00 3.03 -1.49
N SER D 2 -25.25 9.36 -10.52
CA SER D 2 -26.45 9.54 -11.33
C SER D 2 -26.47 8.57 -12.50
N LEU D 3 -27.69 8.19 -12.90
CA LEU D 3 -27.91 7.39 -14.10
C LEU D 3 -29.00 8.05 -14.91
N PHE D 4 -28.67 8.50 -16.10
CA PHE D 4 -29.63 9.09 -17.04
C PHE D 4 -29.79 8.13 -18.20
N VAL D 5 -30.95 7.52 -18.31
CA VAL D 5 -31.28 6.61 -19.41
C VAL D 5 -32.17 7.37 -20.38
N MET D 6 -31.65 7.65 -21.58
CA MET D 6 -32.41 8.30 -22.62
C MET D 6 -32.83 7.28 -23.66
N LYS D 7 -33.55 7.74 -24.68
CA LYS D 7 -33.99 6.85 -25.75
C LYS D 7 -32.81 6.15 -26.40
N ASP D 8 -31.69 6.85 -26.56
CA ASP D 8 -30.59 6.37 -27.40
C ASP D 8 -29.26 6.31 -26.68
N ARG D 9 -29.22 6.51 -25.37
CA ARG D 9 -27.93 6.51 -24.68
C ARG D 9 -28.13 6.25 -23.19
N VAL D 10 -27.01 5.92 -22.55
CA VAL D 10 -26.93 5.77 -21.10
C VAL D 10 -25.81 6.65 -20.60
N ILE D 11 -26.08 7.44 -19.55
CA ILE D 11 -25.07 8.27 -18.92
C ILE D 11 -25.01 7.86 -17.46
N LEU D 12 -23.88 7.30 -17.04
CA LEU D 12 -23.69 6.79 -15.70
C LEU D 12 -22.55 7.56 -15.04
N ILE D 13 -22.87 8.32 -14.00
CA ILE D 13 -21.90 9.12 -13.26
C ILE D 13 -21.77 8.53 -11.86
N THR D 14 -20.55 8.20 -11.48
CA THR D 14 -20.27 7.66 -10.15
C THR D 14 -19.12 8.42 -9.53
N CYS D 15 -19.00 8.30 -8.21
CA CYS D 15 -17.94 8.96 -7.45
C CYS D 15 -17.40 7.98 -6.43
N GLY D 16 -16.58 8.49 -5.51
CA GLY D 16 -15.95 7.61 -4.53
C GLY D 16 -15.01 6.63 -5.20
N THR D 17 -15.08 5.37 -4.78
CA THR D 17 -14.24 4.31 -5.33
C THR D 17 -15.06 3.28 -6.09
N ILE D 18 -16.23 3.67 -6.59
CA ILE D 18 -17.06 2.74 -7.34
C ILE D 18 -16.33 2.31 -8.60
N THR D 19 -16.28 1.00 -8.84
CA THR D 19 -15.67 0.43 -10.04
C THR D 19 -16.69 0.55 -11.17
N LEU D 20 -16.68 1.69 -11.84
CA LEU D 20 -17.72 2.00 -12.82
C LEU D 20 -17.70 1.04 -13.99
N LEU D 21 -16.51 0.63 -14.43
CA LEU D 21 -16.40 -0.12 -15.68
C LEU D 21 -16.95 -1.54 -15.59
N ASN D 22 -17.28 -2.03 -14.39
CA ASN D 22 -17.80 -3.40 -14.28
C ASN D 22 -19.17 -3.56 -14.91
N CYS D 23 -19.89 -2.46 -15.17
CA CYS D 23 -21.24 -2.53 -15.71
C CYS D 23 -21.27 -2.47 -17.23
N VAL D 24 -20.11 -2.49 -17.88
CA VAL D 24 -20.10 -2.42 -19.35
C VAL D 24 -20.84 -3.60 -19.97
N PRO D 25 -20.60 -4.86 -19.57
CA PRO D 25 -21.34 -5.97 -20.20
C PRO D 25 -22.86 -5.80 -20.12
N LEU D 26 -23.39 -5.45 -18.95
CA LEU D 26 -24.83 -5.27 -18.82
C LEU D 26 -25.33 -4.10 -19.67
N ILE D 27 -24.51 -3.07 -19.85
CA ILE D 27 -24.90 -1.96 -20.71
C ILE D 27 -25.01 -2.42 -22.16
N CYS D 28 -24.06 -3.23 -22.62
CA CYS D 28 -24.13 -3.75 -23.98
C CYS D 28 -25.32 -4.68 -24.16
N GLU D 29 -25.60 -5.51 -23.15
CA GLU D 29 -26.76 -6.41 -23.23
C GLU D 29 -28.06 -5.61 -23.32
N ALA D 30 -28.14 -4.46 -22.66
CA ALA D 30 -29.34 -3.63 -22.74
C ALA D 30 -29.52 -3.04 -24.12
N VAL D 31 -28.42 -2.81 -24.85
CA VAL D 31 -28.52 -2.30 -26.22
C VAL D 31 -28.99 -3.41 -27.15
N SER D 32 -28.58 -4.66 -26.90
CA SER D 32 -28.95 -5.76 -27.77
C SER D 32 -30.43 -6.10 -27.64
N THR D 33 -30.94 -6.14 -26.40
CA THR D 33 -32.33 -6.52 -26.18
C THR D 33 -33.28 -5.69 -27.03
N VAL D 34 -33.03 -4.38 -27.13
CA VAL D 34 -33.87 -3.50 -27.91
C VAL D 34 -33.40 -3.47 -29.35
N CYS D 35 -32.51 -4.39 -29.72
CA CYS D 35 -32.02 -4.52 -31.08
C CYS D 35 -31.34 -3.23 -31.54
N GLY D 36 -30.47 -2.70 -30.70
CA GLY D 36 -29.64 -1.57 -31.03
C GLY D 36 -28.19 -1.98 -31.25
N GLU D 37 -27.38 -1.00 -31.61
CA GLU D 37 -25.96 -1.24 -31.87
C GLU D 37 -25.15 -0.07 -31.34
N VAL D 38 -24.12 -0.39 -30.54
CA VAL D 38 -23.26 0.64 -29.97
C VAL D 38 -22.49 1.33 -31.09
N GLU D 39 -22.46 2.67 -31.05
CA GLU D 39 -21.72 3.46 -32.02
C GLU D 39 -20.81 4.50 -31.38
N TRP D 40 -20.93 4.76 -30.08
CA TRP D 40 -20.17 5.83 -29.44
C TRP D 40 -20.06 5.51 -27.96
N VAL D 41 -18.84 5.34 -27.47
CA VAL D 41 -18.57 5.09 -26.07
C VAL D 41 -17.50 6.05 -25.59
N SER D 42 -17.72 6.65 -24.42
CA SER D 42 -16.76 7.57 -23.84
C SER D 42 -16.66 7.32 -22.35
N PHE D 43 -15.44 7.14 -21.85
CA PHE D 43 -15.16 7.05 -20.43
C PHE D 43 -14.29 8.24 -20.03
N MET D 44 -14.67 8.92 -18.96
CA MET D 44 -14.07 10.20 -18.62
C MET D 44 -14.06 10.36 -17.11
N HIS D 45 -13.07 11.09 -16.62
CA HIS D 45 -13.04 11.47 -15.22
C HIS D 45 -11.98 12.54 -15.01
N LYS D 46 -12.34 13.56 -14.24
CA LYS D 46 -11.34 14.45 -13.68
C LYS D 46 -10.30 13.64 -12.93
N ASN D 47 -9.09 14.19 -12.83
CA ASN D 47 -8.04 13.47 -12.12
C ASN D 47 -8.41 13.28 -10.66
N TYR D 48 -8.35 12.03 -10.21
CA TYR D 48 -8.69 11.70 -8.82
C TYR D 48 -7.82 12.49 -7.86
N SER D 49 -8.43 12.93 -6.75
CA SER D 49 -7.69 13.58 -5.69
C SER D 49 -6.90 12.59 -4.84
N PHE D 50 -7.31 11.32 -4.86
CA PHE D 50 -6.66 10.28 -4.06
C PHE D 50 -6.56 9.02 -4.90
N PRO D 51 -5.71 9.03 -5.93
CA PRO D 51 -5.64 7.88 -6.85
C PRO D 51 -5.23 6.58 -6.19
N TRP D 52 -4.40 6.65 -5.15
CA TRP D 52 -3.94 5.44 -4.47
C TRP D 52 -5.05 4.69 -3.75
N GLU D 53 -6.24 5.29 -3.62
CA GLU D 53 -7.38 4.64 -2.99
C GLU D 53 -8.32 3.99 -3.99
N GLN D 54 -8.13 4.20 -5.29
CA GLN D 54 -9.00 3.62 -6.29
C GLN D 54 -8.70 2.14 -6.47
N LYS D 55 -9.75 1.39 -6.81
CA LYS D 55 -9.69 -0.07 -6.86
C LYS D 55 -9.97 -0.56 -8.27
N GLY D 56 -9.79 -1.87 -8.46
CA GLY D 56 -10.08 -2.51 -9.72
C GLY D 56 -9.23 -1.95 -10.85
N PRO D 57 -9.83 -1.72 -12.02
CA PRO D 57 -9.07 -1.17 -13.14
C PRO D 57 -8.83 0.33 -13.06
N HIS D 58 -9.24 0.99 -11.98
CA HIS D 58 -9.12 2.44 -11.86
C HIS D 58 -7.91 2.87 -11.05
N LEU D 59 -7.06 1.95 -10.61
CA LEU D 59 -5.89 2.32 -9.82
C LEU D 59 -4.87 3.09 -10.64
N SER D 60 -4.91 2.97 -11.96
CA SER D 60 -4.03 3.75 -12.82
C SER D 60 -4.73 3.94 -14.17
N MET D 61 -4.36 5.02 -14.86
CA MET D 61 -4.91 5.27 -16.19
C MET D 61 -4.58 4.13 -17.15
N ALA D 62 -3.41 3.50 -16.97
CA ALA D 62 -3.04 2.39 -17.84
C ALA D 62 -4.02 1.23 -17.67
N GLU D 63 -4.46 0.97 -16.45
CA GLU D 63 -5.40 -0.11 -16.22
C GLU D 63 -6.80 0.24 -16.73
N GLU D 64 -7.18 1.51 -16.65
CA GLU D 64 -8.41 1.95 -17.31
C GLU D 64 -8.30 1.80 -18.82
N PHE D 65 -7.14 2.13 -19.37
CA PHE D 65 -6.90 1.95 -20.80
C PHE D 65 -6.92 0.48 -21.19
N LYS D 66 -6.18 -0.35 -20.45
CA LYS D 66 -6.21 -1.79 -20.68
C LYS D 66 -7.63 -2.33 -20.63
N THR D 67 -8.39 -1.92 -19.60
CA THR D 67 -9.72 -2.48 -19.40
C THR D 67 -10.67 -2.08 -20.53
N LEU D 68 -10.64 -0.80 -20.90
CA LEU D 68 -11.52 -0.35 -21.98
C LEU D 68 -11.09 -0.91 -23.33
N ARG D 69 -9.80 -1.14 -23.52
CA ARG D 69 -9.33 -1.72 -24.77
C ARG D 69 -9.75 -3.18 -24.91
N SER D 70 -9.92 -3.88 -23.79
CA SER D 70 -10.36 -5.28 -23.85
C SER D 70 -11.76 -5.40 -24.41
N HIS D 71 -12.58 -4.35 -24.31
CA HIS D 71 -13.93 -4.33 -24.84
C HIS D 71 -14.07 -3.52 -26.11
N PHE D 72 -13.34 -2.40 -26.21
CA PHE D 72 -13.39 -1.52 -27.38
C PHE D 72 -11.97 -1.33 -27.87
N PRO D 73 -11.46 -2.25 -28.69
CA PRO D 73 -10.04 -2.20 -29.07
C PRO D 73 -9.66 -0.98 -29.89
N SER D 74 -10.61 -0.33 -30.57
CA SER D 74 -10.30 0.81 -31.43
C SER D 74 -10.27 2.13 -30.67
N GLY D 75 -10.76 2.17 -29.44
CA GLY D 75 -10.81 3.42 -28.71
C GLY D 75 -9.43 4.05 -28.54
N GLN D 76 -9.43 5.34 -28.20
CA GLN D 76 -8.21 6.11 -28.07
C GLN D 76 -8.22 6.87 -26.74
N PRO D 77 -7.12 6.84 -25.99
CA PRO D 77 -7.04 7.64 -24.77
C PRO D 77 -6.46 9.02 -24.98
N PHE D 78 -6.88 9.95 -24.12
CA PHE D 78 -6.37 11.31 -24.14
C PHE D 78 -6.23 11.82 -22.72
N ILE D 79 -5.31 12.76 -22.51
CA ILE D 79 -5.13 13.44 -21.24
C ILE D 79 -5.02 14.93 -21.53
N PHE D 80 -6.05 15.68 -21.14
CA PHE D 80 -6.10 17.12 -21.38
C PHE D 80 -5.66 17.86 -20.12
N GLY D 81 -4.57 18.61 -20.23
CA GLY D 81 -4.12 19.47 -19.16
C GLY D 81 -2.86 18.96 -18.49
N PRO D 82 -2.41 19.70 -17.47
CA PRO D 82 -1.20 19.30 -16.73
C PRO D 82 -1.42 18.01 -15.96
N ILE D 83 -0.57 17.02 -16.23
CA ILE D 83 -0.80 15.68 -15.70
C ILE D 83 -0.60 15.63 -14.20
N ASP D 84 0.34 16.43 -13.67
CA ASP D 84 0.52 16.52 -12.22
C ASP D 84 -0.34 17.60 -11.59
N SER D 85 -1.40 18.02 -12.27
CA SER D 85 -2.35 18.98 -11.72
C SER D 85 -3.74 18.70 -12.27
N ASP D 86 -4.60 19.72 -12.34
CA ASP D 86 -5.95 19.52 -12.84
C ASP D 86 -5.92 19.08 -14.30
N HIS D 87 -6.49 17.90 -14.57
CA HIS D 87 -6.54 17.39 -15.94
C HIS D 87 -7.66 16.35 -16.03
N TYR D 88 -8.02 16.02 -17.27
CA TYR D 88 -9.04 15.03 -17.58
C TYR D 88 -8.44 13.87 -18.36
N PHE D 89 -8.88 12.66 -18.04
CA PHE D 89 -8.55 11.46 -18.80
C PHE D 89 -9.76 11.05 -19.61
N LEU D 90 -9.58 10.88 -20.92
CA LEU D 90 -10.66 10.52 -21.83
C LEU D 90 -10.27 9.30 -22.63
N TYR D 91 -11.21 8.35 -22.74
CA TYR D 91 -11.10 7.23 -23.65
C TYR D 91 -12.32 7.26 -24.56
N PHE D 92 -12.07 7.34 -25.87
CA PHE D 92 -13.14 7.57 -26.84
C PHE D 92 -13.14 6.46 -27.88
N HIS D 93 -14.30 5.82 -28.05
CA HIS D 93 -14.49 4.77 -29.05
C HIS D 93 -15.72 5.10 -29.87
N SER D 94 -15.57 5.09 -31.19
CA SER D 94 -16.69 5.34 -32.10
C SER D 94 -16.68 4.30 -33.21
N ASP D 95 -17.85 3.73 -33.49
CA ASP D 95 -18.05 2.78 -34.57
C ASP D 95 -19.19 3.29 -35.45
N VAL D 96 -18.96 4.42 -36.10
CA VAL D 96 -19.96 5.04 -36.97
C VAL D 96 -19.93 4.33 -38.32
N VAL D 97 -21.10 3.90 -38.79
CA VAL D 97 -21.22 3.26 -40.10
C VAL D 97 -21.66 4.30 -41.11
N GLN D 98 -22.82 4.93 -40.87
CA GLN D 98 -23.31 6.01 -41.70
C GLN D 98 -23.18 7.32 -40.94
N PRO D 99 -22.60 8.37 -41.54
CA PRO D 99 -22.54 9.66 -40.85
C PRO D 99 -23.93 10.19 -40.54
N SER D 100 -24.00 11.01 -39.50
CA SER D 100 -25.26 11.59 -39.05
C SER D 100 -25.00 12.95 -38.46
N CYS D 101 -26.08 13.68 -38.20
CA CYS D 101 -25.97 14.99 -37.57
C CYS D 101 -25.75 14.83 -36.08
N SER D 102 -24.80 15.59 -35.53
CA SER D 102 -24.52 15.62 -34.11
C SER D 102 -24.80 17.02 -33.59
N ASP D 103 -25.88 17.17 -32.83
CA ASP D 103 -26.31 18.46 -32.30
C ASP D 103 -26.55 18.37 -30.81
N ASP D 104 -25.70 17.62 -30.11
CA ASP D 104 -25.76 17.51 -28.66
C ASP D 104 -24.76 18.48 -28.02
N ALA D 105 -24.82 18.55 -26.69
CA ALA D 105 -23.91 19.40 -25.94
C ALA D 105 -23.62 18.74 -24.61
N GLN D 106 -22.42 19.00 -24.08
CA GLN D 106 -22.00 18.46 -22.79
C GLN D 106 -21.15 19.51 -22.09
N LEU D 107 -21.66 20.04 -20.99
CA LEU D 107 -20.93 20.97 -20.13
C LEU D 107 -20.70 20.27 -18.80
N SER D 108 -19.45 20.28 -18.34
CA SER D 108 -19.10 19.69 -17.05
C SER D 108 -18.20 20.64 -16.28
N MET D 109 -18.46 20.77 -14.98
CA MET D 109 -17.68 21.61 -14.10
C MET D 109 -17.18 20.79 -12.92
N THR D 110 -15.96 21.06 -12.49
CA THR D 110 -15.38 20.48 -11.29
C THR D 110 -14.79 21.60 -10.45
N MET D 111 -15.25 21.71 -9.20
CA MET D 111 -14.95 22.85 -8.36
C MET D 111 -14.33 22.38 -7.05
N TYR D 112 -13.30 23.10 -6.59
CA TYR D 112 -12.61 22.80 -5.35
C TYR D 112 -12.56 24.04 -4.48
N GLY D 113 -12.47 23.83 -3.16
CA GLY D 113 -12.45 24.93 -2.23
C GLY D 113 -13.76 25.69 -2.19
N LEU D 114 -14.81 25.04 -1.70
CA LEU D 114 -16.15 25.61 -1.76
C LEU D 114 -16.36 26.65 -0.65
N ASP D 115 -17.29 27.56 -0.90
CA ASP D 115 -17.60 28.62 0.05
C ASP D 115 -18.07 28.03 1.38
N ARG D 116 -17.37 28.37 2.46
CA ARG D 116 -17.68 27.79 3.76
C ARG D 116 -19.10 28.12 4.20
N ASN D 117 -19.53 29.37 3.98
CA ASN D 117 -20.89 29.75 4.37
C ASN D 117 -21.94 28.92 3.65
N GLN D 118 -21.59 28.25 2.56
CA GLN D 118 -22.51 27.40 1.83
C GLN D 118 -22.45 25.95 2.28
N THR D 119 -21.24 25.45 2.57
CA THR D 119 -21.10 24.05 2.96
C THR D 119 -21.87 23.73 4.23
N LYS D 120 -22.06 24.72 5.10
CA LYS D 120 -22.85 24.52 6.31
C LYS D 120 -24.19 23.88 5.98
N HIS D 121 -24.87 24.37 4.94
CA HIS D 121 -26.22 23.93 4.64
C HIS D 121 -26.27 22.51 4.10
N TRP D 122 -25.14 21.96 3.64
CA TRP D 122 -25.09 20.59 3.14
C TRP D 122 -24.57 19.62 4.19
N TYR D 123 -24.83 19.91 5.47
CA TYR D 123 -24.68 18.96 6.55
C TYR D 123 -26.05 18.65 7.13
N SER D 124 -26.19 17.45 7.68
CA SER D 124 -27.47 17.03 8.23
C SER D 124 -27.28 15.83 9.13
N ASP D 125 -28.10 15.74 10.17
CA ASP D 125 -28.06 14.63 11.11
C ASP D 125 -28.88 13.43 10.63
N LYS D 126 -29.71 13.60 9.61
CA LYS D 126 -30.59 12.53 9.14
C LYS D 126 -30.57 12.50 7.61
N MET D 127 -30.73 11.30 7.07
CA MET D 127 -30.85 11.14 5.62
C MET D 127 -32.20 11.69 5.17
N LEU D 128 -32.18 12.59 4.18
CA LEU D 128 -33.38 13.32 3.76
C LEU D 128 -33.54 13.26 2.24
N PRO D 129 -34.43 12.41 1.73
CA PRO D 129 -34.77 12.49 0.30
C PRO D 129 -35.46 13.79 -0.03
N THR D 130 -35.93 13.93 -1.27
CA THR D 130 -36.61 15.15 -1.69
C THR D 130 -37.81 15.42 -0.78
N GLY D 131 -37.87 16.64 -0.25
CA GLY D 131 -38.94 17.03 0.64
C GLY D 131 -38.84 18.47 1.10
N PRO D 132 -39.63 18.83 2.11
CA PRO D 132 -39.56 20.22 2.61
C PRO D 132 -38.19 20.61 3.11
N GLU D 133 -37.45 19.68 3.72
CA GLU D 133 -36.12 20.01 4.23
C GLU D 133 -35.19 20.44 3.11
N THR D 134 -35.06 19.59 2.07
CA THR D 134 -34.15 19.91 0.97
C THR D 134 -34.58 21.17 0.25
N ALA D 135 -35.89 21.41 0.15
CA ALA D 135 -36.38 22.65 -0.47
C ALA D 135 -35.76 23.87 0.20
N VAL D 136 -35.61 23.83 1.53
CA VAL D 136 -34.99 24.94 2.24
C VAL D 136 -33.51 25.03 1.87
N ILE D 137 -32.83 23.89 1.77
CA ILE D 137 -31.41 23.89 1.42
C ILE D 137 -31.20 24.51 0.04
N ARG D 138 -32.04 24.13 -0.93
CA ARG D 138 -31.89 24.68 -2.27
C ARG D 138 -32.09 26.18 -2.29
N GLU D 139 -33.07 26.68 -1.53
CA GLU D 139 -33.30 28.12 -1.46
C GLU D 139 -32.17 28.82 -0.70
N ALA D 140 -31.74 28.25 0.42
CA ALA D 140 -30.71 28.90 1.22
C ALA D 140 -29.39 29.02 0.47
N THR D 141 -29.00 27.96 -0.25
CA THR D 141 -27.73 27.94 -0.95
C THR D 141 -27.78 28.54 -2.34
N GLY D 142 -28.97 28.76 -2.90
CA GLY D 142 -29.10 29.28 -4.24
C GLY D 142 -29.27 28.23 -5.32
N LEU D 143 -29.34 26.95 -4.96
CA LEU D 143 -29.55 25.90 -5.97
C LEU D 143 -30.87 26.10 -6.69
N SER D 144 -31.85 26.70 -6.04
CA SER D 144 -33.13 26.96 -6.68
C SER D 144 -32.99 27.86 -7.91
N GLU D 145 -31.94 28.67 -7.96
CA GLU D 145 -31.67 29.48 -9.14
C GLU D 145 -31.11 28.65 -10.29
N VAL D 146 -30.32 27.63 -9.97
CA VAL D 146 -29.78 26.75 -11.01
C VAL D 146 -30.84 25.72 -11.43
N VAL D 147 -31.69 25.29 -10.50
CA VAL D 147 -32.74 24.32 -10.78
C VAL D 147 -34.05 24.97 -10.32
N ASP D 148 -34.67 25.74 -11.20
CA ASP D 148 -35.88 26.48 -10.84
C ASP D 148 -37.10 25.60 -10.91
N ASP D 149 -38.30 26.22 -10.91
CA ASP D 149 -39.53 25.47 -10.89
C ASP D 149 -39.75 24.68 -12.18
N SER D 150 -39.29 25.20 -13.32
CA SER D 150 -39.55 24.57 -14.60
C SER D 150 -38.83 23.23 -14.77
N TRP D 151 -38.04 22.79 -13.78
CA TRP D 151 -37.32 21.54 -13.85
C TRP D 151 -37.93 20.53 -12.89
N ILE D 152 -38.21 19.34 -13.39
CA ILE D 152 -38.50 18.21 -12.51
C ILE D 152 -37.20 17.82 -11.82
N LEU D 153 -37.21 17.79 -10.49
CA LEU D 153 -35.99 17.56 -9.73
C LEU D 153 -36.25 16.58 -8.60
N HIS D 154 -35.14 16.05 -8.08
CA HIS D 154 -35.17 15.19 -6.90
C HIS D 154 -33.75 15.09 -6.38
N ASP D 155 -33.57 15.26 -5.08
CA ASP D 155 -32.25 15.37 -4.46
C ASP D 155 -32.19 14.50 -3.21
N LEU D 156 -31.03 14.54 -2.56
CA LEU D 156 -30.80 13.71 -1.37
C LEU D 156 -29.74 14.38 -0.52
N GLN D 157 -30.13 14.82 0.67
CA GLN D 157 -29.18 15.33 1.65
C GLN D 157 -28.65 14.18 2.49
N TYR D 158 -27.34 14.03 2.53
CA TYR D 158 -26.72 12.89 3.20
C TYR D 158 -26.42 13.21 4.66
N GLU D 159 -26.14 12.15 5.41
CA GLU D 159 -25.71 12.26 6.80
C GLU D 159 -24.34 11.59 6.94
N PRO D 160 -23.38 12.26 7.61
CA PRO D 160 -23.45 13.58 8.25
C PRO D 160 -23.32 14.76 7.28
N CYS D 161 -23.03 14.47 6.01
CA CYS D 161 -22.91 15.53 5.00
C CYS D 161 -22.93 14.89 3.62
N GLY D 162 -23.07 15.75 2.61
CA GLY D 162 -23.19 15.30 1.24
C GLY D 162 -24.53 15.68 0.64
N TYR D 163 -24.57 15.94 -0.66
CA TYR D 163 -25.81 16.34 -1.31
C TYR D 163 -25.73 16.01 -2.80
N SER D 164 -26.78 15.40 -3.33
CA SER D 164 -26.90 15.13 -4.75
C SER D 164 -28.26 15.61 -5.24
N ILE D 165 -28.31 16.04 -6.50
CA ILE D 165 -29.56 16.45 -7.10
C ILE D 165 -29.51 16.13 -8.59
N ASN D 166 -30.64 15.68 -9.12
CA ASN D 166 -30.84 15.49 -10.55
C ASN D 166 -32.04 16.32 -10.99
N ALA D 167 -31.91 16.97 -12.15
CA ALA D 167 -32.98 17.78 -12.70
C ALA D 167 -33.13 17.47 -14.18
N ILE D 168 -34.38 17.33 -14.62
CA ILE D 168 -34.68 17.01 -16.02
C ILE D 168 -35.79 17.92 -16.50
N ARG D 169 -35.71 18.34 -17.75
CA ARG D 169 -36.70 19.22 -18.36
C ARG D 169 -36.71 18.94 -19.85
N GLY D 170 -37.71 18.19 -20.30
CA GLY D 170 -37.72 17.75 -21.69
C GLY D 170 -36.63 16.71 -21.89
N SER D 171 -35.79 16.92 -22.90
CA SER D 171 -34.65 16.05 -23.14
C SER D 171 -33.39 16.50 -22.41
N GLU D 172 -33.44 17.64 -21.72
CA GLU D 172 -32.28 18.16 -21.01
C GLU D 172 -32.23 17.62 -19.58
N TYR D 173 -31.02 17.42 -19.09
CA TYR D 173 -30.79 17.02 -17.71
C TYR D 173 -29.79 17.96 -17.06
N GLN D 174 -29.66 17.82 -15.74
CA GLN D 174 -28.83 18.70 -14.94
C GLN D 174 -28.59 18.01 -13.60
N THR D 175 -27.33 17.89 -13.21
CA THR D 175 -26.99 17.16 -11.99
C THR D 175 -25.87 17.87 -11.24
N ILE D 176 -25.94 17.81 -9.92
CA ILE D 176 -24.96 18.43 -9.03
C ILE D 176 -24.70 17.47 -7.88
N HIS D 177 -23.43 17.25 -7.56
CA HIS D 177 -23.02 16.42 -6.43
C HIS D 177 -21.99 17.18 -5.61
N ILE D 178 -22.19 17.23 -4.30
CA ILE D 178 -21.43 18.11 -3.42
C ILE D 178 -20.74 17.28 -2.35
N THR D 179 -19.46 17.56 -2.13
CA THR D 179 -18.70 17.03 -1.00
C THR D 179 -18.27 18.22 -0.15
N PRO D 180 -19.01 18.56 0.92
CA PRO D 180 -18.76 19.83 1.61
C PRO D 180 -17.63 19.82 2.63
N GLU D 181 -17.00 18.68 2.90
CA GLU D 181 -15.88 18.65 3.84
C GLU D 181 -14.85 19.71 3.45
N GLU D 182 -14.37 20.45 4.47
CA GLU D 182 -13.44 21.54 4.19
C GLU D 182 -12.10 21.03 3.68
N HIS D 183 -11.60 19.93 4.24
CA HIS D 183 -10.27 19.43 3.87
C HIS D 183 -10.26 18.79 2.48
N CYS D 184 -11.41 18.60 1.85
CA CYS D 184 -11.46 18.10 0.48
C CYS D 184 -12.74 18.56 -0.20
N SER D 185 -13.09 19.83 -0.02
CA SER D 185 -14.35 20.34 -0.57
C SER D 185 -14.34 20.23 -2.08
N PHE D 186 -15.43 19.67 -2.63
CA PHE D 186 -15.55 19.47 -4.06
C PHE D 186 -17.02 19.48 -4.45
N ALA D 187 -17.29 20.00 -5.65
CA ALA D 187 -18.64 20.00 -6.20
C ALA D 187 -18.54 19.79 -7.71
N SER D 188 -19.50 19.05 -8.24
CA SER D 188 -19.56 18.74 -9.66
C SER D 188 -20.86 19.25 -10.25
N TYR D 189 -20.83 19.57 -11.54
CA TYR D 189 -22.01 20.01 -12.26
C TYR D 189 -21.91 19.55 -13.70
N GLU D 190 -23.02 19.03 -14.23
CA GLU D 190 -23.06 18.64 -15.63
C GLU D 190 -24.46 18.87 -16.19
N THR D 191 -24.51 19.18 -17.48
CA THR D 191 -25.77 19.39 -18.16
C THR D 191 -25.55 19.21 -19.65
N ASN D 192 -26.61 18.82 -20.36
CA ASN D 192 -26.59 18.72 -21.81
C ASN D 192 -27.39 19.83 -22.48
N THR D 193 -27.57 20.96 -21.79
CA THR D 193 -28.30 22.07 -22.37
C THR D 193 -27.66 22.51 -23.67
N CYS D 194 -28.51 22.77 -24.67
CA CYS D 194 -28.05 23.27 -25.97
C CYS D 194 -28.31 24.77 -26.02
N ALA D 195 -27.39 25.52 -25.42
CA ALA D 195 -27.47 26.97 -25.37
C ALA D 195 -26.39 27.57 -26.26
N LEU D 196 -26.63 28.83 -26.66
CA LEU D 196 -25.65 29.53 -27.48
C LEU D 196 -24.45 29.98 -26.67
N ASN D 197 -24.65 30.26 -25.37
CA ASN D 197 -23.58 30.72 -24.50
C ASN D 197 -23.78 30.14 -23.12
N TYR D 198 -22.72 29.54 -22.56
CA TYR D 198 -22.78 28.91 -21.25
C TYR D 198 -22.45 29.84 -20.11
N SER D 199 -22.12 31.11 -20.39
CA SER D 199 -21.69 32.01 -19.33
C SER D 199 -22.77 32.14 -18.26
N LYS D 200 -24.00 32.46 -18.66
CA LYS D 200 -25.08 32.61 -17.69
C LYS D 200 -25.26 31.33 -16.88
N CYS D 201 -25.15 30.17 -17.53
CA CYS D 201 -25.28 28.90 -16.82
C CYS D 201 -24.11 28.68 -15.88
N ILE D 202 -22.88 28.86 -16.38
CA ILE D 202 -21.70 28.63 -15.56
C ILE D 202 -21.69 29.60 -14.38
N CYS D 203 -21.89 30.89 -14.65
CA CYS D 203 -21.86 31.88 -13.58
C CYS D 203 -22.85 31.54 -12.47
N GLY D 204 -24.07 31.12 -12.85
CA GLY D 204 -25.05 30.76 -11.85
C GLY D 204 -24.56 29.66 -10.93
N VAL D 205 -23.78 28.72 -11.47
CA VAL D 205 -23.24 27.64 -10.66
C VAL D 205 -22.13 28.17 -9.75
N LEU D 206 -21.31 29.09 -10.26
CA LEU D 206 -20.23 29.63 -9.45
C LEU D 206 -20.78 30.42 -8.27
N ARG D 207 -21.84 31.21 -8.48
CA ARG D 207 -22.42 31.96 -7.38
C ARG D 207 -22.80 31.05 -6.22
N VAL D 208 -23.26 29.83 -6.51
CA VAL D 208 -23.65 28.91 -5.45
C VAL D 208 -22.43 28.46 -4.66
N PHE D 209 -21.34 28.14 -5.34
CA PHE D 209 -20.18 27.53 -4.70
C PHE D 209 -19.00 28.48 -4.51
N ASP D 210 -18.83 29.46 -5.39
CA ASP D 210 -17.74 30.44 -5.33
C ASP D 210 -16.41 29.73 -5.01
N PRO D 211 -15.95 28.83 -5.88
CA PRO D 211 -14.82 27.98 -5.54
C PRO D 211 -13.47 28.69 -5.71
N GLU D 212 -12.50 28.23 -4.93
CA GLU D 212 -11.14 28.73 -5.06
C GLU D 212 -10.59 28.44 -6.45
N ARG D 213 -10.90 27.27 -7.00
CA ARG D 213 -10.52 26.94 -8.36
C ARG D 213 -11.59 26.02 -8.93
N PHE D 214 -11.60 25.92 -10.27
CA PHE D 214 -12.54 25.02 -10.93
C PHE D 214 -12.08 24.80 -12.36
N SER D 215 -12.48 23.65 -12.91
CA SER D 215 -12.26 23.34 -14.31
C SER D 215 -13.59 23.23 -15.02
N VAL D 216 -13.59 23.55 -16.32
CA VAL D 216 -14.77 23.42 -17.16
C VAL D 216 -14.35 22.76 -18.46
N ILE D 217 -15.04 21.70 -18.85
CA ILE D 217 -14.79 21.00 -20.11
C ILE D 217 -16.08 21.05 -20.92
N VAL D 218 -15.94 21.38 -22.21
CA VAL D 218 -17.07 21.55 -23.11
C VAL D 218 -16.84 20.69 -24.34
N PHE D 219 -17.80 19.80 -24.62
CA PHE D 219 -17.77 19.00 -25.84
C PHE D 219 -18.67 19.66 -26.88
N ILE D 220 -18.09 20.08 -27.99
CA ILE D 220 -18.79 20.81 -29.04
C ILE D 220 -19.03 19.86 -30.20
N ASP D 221 -20.31 19.59 -30.50
CA ASP D 221 -20.64 18.85 -31.71
C ASP D 221 -20.77 19.79 -32.89
N PRO D 222 -20.48 19.32 -34.10
CA PRO D 222 -20.42 20.25 -35.25
C PRO D 222 -21.76 20.88 -35.58
N ASP D 223 -22.86 20.15 -35.44
CA ASP D 223 -24.16 20.59 -35.92
C ASP D 223 -25.05 21.15 -34.82
N SER D 224 -24.47 21.58 -33.71
CA SER D 224 -25.23 22.21 -32.63
C SER D 224 -25.16 23.72 -32.77
N ALA D 225 -26.13 24.40 -32.15
CA ALA D 225 -26.16 25.86 -32.18
C ALA D 225 -24.85 26.43 -31.65
N VAL D 226 -24.36 25.90 -30.53
CA VAL D 226 -23.07 26.34 -30.00
C VAL D 226 -21.94 25.94 -30.94
N GLY D 227 -22.09 24.82 -31.65
CA GLY D 227 -21.06 24.41 -32.58
C GLY D 227 -20.97 25.33 -33.79
N LYS D 228 -22.11 25.73 -34.34
CA LYS D 228 -22.11 26.68 -35.45
C LYS D 228 -21.44 27.98 -35.05
N SER D 229 -21.61 28.40 -33.80
CA SER D 229 -21.03 29.65 -33.34
C SER D 229 -19.54 29.53 -33.09
N TYR D 230 -19.12 28.46 -32.40
CA TYR D 230 -17.72 28.31 -32.02
C TYR D 230 -16.81 28.32 -33.25
N HIS D 231 -17.19 27.56 -34.29
CA HIS D 231 -16.36 27.49 -35.48
C HIS D 231 -16.42 28.76 -36.31
N SER D 232 -17.41 29.63 -36.08
CA SER D 232 -17.54 30.89 -36.79
C SER D 232 -16.98 32.06 -35.98
N GLY D 233 -15.92 31.82 -35.20
CA GLY D 233 -15.28 32.87 -34.43
C GLY D 233 -16.08 33.40 -33.27
N GLY D 234 -17.22 32.79 -32.95
CA GLY D 234 -18.03 33.27 -31.86
C GLY D 234 -17.59 32.72 -30.52
N THR D 235 -17.97 33.43 -29.46
CA THR D 235 -17.69 33.01 -28.09
C THR D 235 -18.77 32.05 -27.61
N ILE D 236 -18.39 31.17 -26.70
CA ILE D 236 -19.29 30.14 -26.19
C ILE D 236 -19.56 30.24 -24.70
N GLY D 237 -18.84 31.09 -23.97
CA GLY D 237 -19.12 31.33 -22.56
C GLY D 237 -18.08 30.81 -21.60
N VAL D 238 -16.92 30.34 -22.07
CA VAL D 238 -15.84 29.87 -21.20
C VAL D 238 -14.64 30.80 -21.25
N GLU D 239 -14.76 31.94 -21.92
CA GLU D 239 -13.62 32.82 -22.10
C GLU D 239 -13.30 33.57 -20.80
N PRO D 240 -12.04 33.95 -20.60
CA PRO D 240 -11.68 34.61 -19.33
C PRO D 240 -12.46 35.89 -19.06
N GLU D 241 -13.00 36.53 -20.10
CA GLU D 241 -13.73 37.78 -19.91
C GLU D 241 -14.91 37.59 -18.96
N TYR D 242 -15.57 36.44 -19.02
CA TYR D 242 -16.75 36.19 -18.19
C TYR D 242 -16.41 35.95 -16.72
N TYR D 243 -15.13 35.84 -16.38
CA TYR D 243 -14.72 35.44 -15.03
C TYR D 243 -13.58 36.35 -14.56
N PRO D 244 -13.89 37.62 -14.30
CA PRO D 244 -12.83 38.56 -13.89
C PRO D 244 -12.21 38.25 -12.54
N ASN D 245 -12.91 37.52 -11.68
CA ASN D 245 -12.35 37.14 -10.38
C ASN D 245 -11.42 35.94 -10.47
N TYR D 246 -11.41 35.23 -11.60
CA TYR D 246 -10.57 34.05 -11.77
C TYR D 246 -9.50 34.32 -12.84
N GLU D 247 -8.40 33.58 -12.73
CA GLU D 247 -7.31 33.66 -13.68
C GLU D 247 -7.21 32.32 -14.42
N ALA D 248 -7.22 32.38 -15.75
CA ALA D 248 -7.11 31.18 -16.56
C ALA D 248 -5.68 30.66 -16.50
N HIS D 249 -5.51 29.43 -15.98
CA HIS D 249 -4.18 28.86 -15.82
C HIS D 249 -3.76 27.98 -16.99
N HIS D 250 -4.71 27.35 -17.68
CA HIS D 250 -4.36 26.50 -18.81
C HIS D 250 -5.63 26.10 -19.55
N ARG D 251 -5.57 26.16 -20.88
CA ARG D 251 -6.67 25.71 -21.72
C ARG D 251 -6.14 24.70 -22.72
N THR D 252 -6.99 23.72 -23.05
CA THR D 252 -6.69 22.75 -24.10
C THR D 252 -7.83 22.74 -25.10
N VAL D 253 -7.47 22.72 -26.38
CA VAL D 253 -8.42 22.56 -27.47
C VAL D 253 -8.02 21.33 -28.26
N ASN D 254 -8.97 20.44 -28.49
CA ASN D 254 -8.67 19.17 -29.13
C ASN D 254 -9.83 18.72 -30.02
N GLU D 255 -9.48 18.24 -31.21
CA GLU D 255 -10.42 17.54 -32.09
C GLU D 255 -10.17 16.05 -31.88
N TYR D 256 -10.82 15.48 -30.87
CA TYR D 256 -10.58 14.08 -30.52
C TYR D 256 -11.07 13.13 -31.59
N THR D 257 -12.01 13.55 -32.43
CA THR D 257 -12.44 12.79 -33.59
C THR D 257 -12.88 13.78 -34.66
N PRO D 258 -12.80 13.40 -35.95
CA PRO D 258 -13.09 14.37 -37.01
C PRO D 258 -14.42 15.10 -36.82
N GLY D 259 -14.36 16.42 -36.75
CA GLY D 259 -15.56 17.23 -36.65
C GLY D 259 -16.00 17.56 -35.24
N HIS D 260 -15.53 16.81 -34.23
CA HIS D 260 -15.94 17.01 -32.85
C HIS D 260 -14.76 17.53 -32.04
N TRP D 261 -15.02 18.56 -31.24
CA TRP D 261 -13.97 19.25 -30.48
C TRP D 261 -14.32 19.26 -29.00
N VAL D 262 -13.30 19.43 -28.18
CA VAL D 262 -13.46 19.54 -26.73
C VAL D 262 -12.54 20.65 -26.23
N LEU D 263 -13.07 21.52 -25.38
CA LEU D 263 -12.31 22.61 -24.78
C LEU D 263 -12.33 22.43 -23.26
N LYS D 264 -11.16 22.55 -22.65
CA LYS D 264 -11.02 22.50 -21.20
C LYS D 264 -10.25 23.73 -20.74
N VAL D 265 -10.65 24.30 -19.61
CA VAL D 265 -10.00 25.48 -19.04
C VAL D 265 -9.91 25.28 -17.53
N ASN D 266 -8.72 25.51 -16.98
CA ASN D 266 -8.51 25.52 -15.53
C ASN D 266 -8.52 26.97 -15.06
N TYR D 267 -9.43 27.29 -14.14
CA TYR D 267 -9.51 28.62 -13.56
C TYR D 267 -9.13 28.58 -12.09
N VAL D 268 -8.43 29.61 -11.64
CA VAL D 268 -8.02 29.75 -10.25
C VAL D 268 -8.36 31.17 -9.80
N LYS D 269 -8.85 31.29 -8.58
CA LYS D 269 -9.26 32.59 -8.06
C LYS D 269 -8.04 33.46 -7.81
N ARG D 270 -8.19 34.76 -8.07
CA ARG D 270 -7.10 35.71 -7.90
C ARG D 270 -6.97 36.09 -6.42
N ALA D 271 -5.97 36.92 -6.14
CA ALA D 271 -5.75 37.42 -4.77
C ALA D 271 -6.47 38.75 -4.58
N THR E 4 -6.14 -9.64 -6.31
CA THR E 4 -4.85 -9.99 -5.73
C THR E 4 -4.19 -8.77 -5.11
N ARG E 5 -5.00 -7.88 -4.53
CA ARG E 5 -4.51 -6.63 -3.98
C ARG E 5 -4.80 -6.54 -2.49
N ILE E 6 -3.84 -6.02 -1.73
CA ILE E 6 -4.01 -5.76 -0.31
C ILE E 6 -3.64 -4.31 -0.04
N ASN E 7 -4.30 -3.72 0.97
CA ASN E 7 -4.08 -2.32 1.32
C ASN E 7 -2.83 -2.21 2.18
N GLN E 8 -1.73 -1.79 1.56
CA GLN E 8 -0.46 -1.66 2.26
C GLN E 8 -0.30 -0.22 2.74
N GLN E 9 -0.34 -0.03 4.06
CA GLN E 9 0.01 1.27 4.63
C GLN E 9 1.43 1.64 4.23
N THR E 10 1.61 2.84 3.69
CA THR E 10 2.91 3.26 3.20
C THR E 10 3.05 4.77 3.39
N GLU E 11 4.28 5.21 3.56
CA GLU E 11 4.57 6.63 3.73
C GLU E 11 4.57 7.33 2.38
N CYS E 12 4.15 8.59 2.38
CA CYS E 12 4.18 9.38 1.17
C CYS E 12 5.63 9.70 0.79
N PRO E 13 6.00 9.56 -0.48
CA PRO E 13 7.34 9.99 -0.89
C PRO E 13 7.60 11.44 -0.51
N SER E 14 8.78 11.69 0.05
CA SER E 14 9.13 13.06 0.42
C SER E 14 9.51 13.89 -0.80
N SER E 15 10.06 13.26 -1.83
CA SER E 15 10.44 13.93 -3.06
C SER E 15 9.88 13.16 -4.25
N VAL E 16 10.01 13.75 -5.44
CA VAL E 16 9.56 13.08 -6.65
C VAL E 16 10.47 11.90 -6.97
N HIS E 17 11.74 11.97 -6.59
CA HIS E 17 12.64 10.83 -6.79
C HIS E 17 12.20 9.64 -5.95
N ASP E 18 11.76 9.88 -4.71
CA ASP E 18 11.26 8.80 -3.87
C ASP E 18 10.07 8.11 -4.54
N LEU E 19 9.14 8.90 -5.08
CA LEU E 19 7.97 8.32 -5.75
C LEU E 19 8.38 7.46 -6.94
N VAL E 20 9.46 7.82 -7.62
CA VAL E 20 9.90 7.06 -8.78
C VAL E 20 10.52 5.74 -8.35
N SER E 21 11.52 5.80 -7.49
CA SER E 21 12.22 4.58 -7.08
C SER E 21 11.31 3.65 -6.30
N CYS E 22 10.47 4.19 -5.42
CA CYS E 22 9.61 3.37 -4.59
C CYS E 22 8.39 2.89 -5.35
N TRP E 23 7.37 3.76 -5.48
CA TRP E 23 6.12 3.35 -6.11
C TRP E 23 6.31 2.96 -7.57
N GLY E 24 7.28 3.55 -8.25
CA GLY E 24 7.54 3.22 -9.63
C GLY E 24 8.22 1.89 -9.81
N SER E 32 12.23 -4.43 -24.55
CA SER E 32 12.04 -3.41 -25.58
C SER E 32 12.74 -2.11 -25.19
N THR E 33 13.33 -1.45 -26.19
CA THR E 33 14.02 -0.19 -25.98
C THR E 33 13.03 0.97 -26.00
N ASP E 34 13.47 2.11 -25.48
CA ASP E 34 12.69 3.33 -25.51
C ASP E 34 12.05 3.53 -26.88
N SER E 35 10.80 3.99 -26.88
CA SER E 35 9.98 4.02 -28.09
C SER E 35 9.98 5.37 -28.79
N GLY E 36 10.44 6.43 -28.14
CA GLY E 36 10.44 7.73 -28.78
C GLY E 36 11.33 7.75 -30.01
N LEU E 37 11.56 8.94 -30.56
CA LEU E 37 12.55 9.08 -31.63
C LEU E 37 13.31 10.40 -31.56
N GLU E 38 13.05 11.26 -30.58
CA GLU E 38 13.86 12.44 -30.39
C GLU E 38 13.51 13.10 -29.07
N LYS E 39 14.52 13.65 -28.40
CA LYS E 39 14.35 14.41 -27.18
C LYS E 39 14.84 15.84 -27.42
N ARG E 40 14.27 16.78 -26.68
CA ARG E 40 14.59 18.19 -26.86
C ARG E 40 14.51 18.90 -25.52
N PHE E 41 15.57 19.64 -25.18
CA PHE E 41 15.68 20.33 -23.91
C PHE E 41 16.06 21.78 -24.17
N GLU E 42 15.27 22.71 -23.64
CA GLU E 42 15.45 24.13 -23.91
C GLU E 42 15.42 24.94 -22.63
N LEU E 43 16.27 25.96 -22.58
CA LEU E 43 16.29 26.94 -21.50
C LEU E 43 16.26 28.33 -22.12
N ASN E 44 15.41 29.20 -21.57
CA ASN E 44 15.44 30.63 -21.87
C ASN E 44 15.85 31.40 -20.62
N PHE E 45 16.36 32.61 -20.84
CA PHE E 45 16.99 33.38 -19.78
C PHE E 45 16.21 34.66 -19.52
N ALA E 46 16.25 35.10 -18.25
CA ALA E 46 15.58 36.35 -17.88
C ALA E 46 16.23 37.54 -18.56
N GLN E 47 17.54 37.49 -18.76
CA GLN E 47 18.27 38.51 -19.50
C GLN E 47 19.14 37.83 -20.55
N PRO E 48 19.23 38.37 -21.76
CA PRO E 48 20.10 37.77 -22.77
C PRO E 48 21.55 37.76 -22.29
N VAL E 49 22.29 36.75 -22.73
CA VAL E 49 23.64 36.49 -22.25
C VAL E 49 24.63 36.71 -23.38
N ASP E 50 25.81 37.24 -23.04
CA ASP E 50 26.87 37.37 -24.03
C ASP E 50 27.23 36.00 -24.59
N ILE E 51 27.33 35.93 -25.92
CA ILE E 51 27.59 34.65 -26.58
C ILE E 51 28.80 33.96 -25.96
N GLY E 52 29.90 34.70 -25.82
CA GLY E 52 31.15 34.12 -25.39
C GLY E 52 31.33 33.93 -23.90
N THR E 53 30.27 34.04 -23.11
CA THR E 53 30.39 33.83 -21.67
C THR E 53 30.44 32.34 -21.32
N VAL E 54 29.46 31.58 -21.82
CA VAL E 54 29.41 30.15 -21.58
C VAL E 54 30.23 29.47 -22.67
N THR E 55 31.49 29.18 -22.36
CA THR E 55 32.40 28.65 -23.37
C THR E 55 31.94 27.27 -23.83
N VAL E 56 32.60 26.78 -24.87
CA VAL E 56 32.29 25.46 -25.42
C VAL E 56 32.74 24.36 -24.46
N LYS E 57 33.85 24.57 -23.75
CA LYS E 57 34.33 23.57 -22.81
C LYS E 57 33.26 23.24 -21.78
N GLN E 58 32.61 24.28 -21.23
CA GLN E 58 31.64 24.07 -20.16
C GLN E 58 30.36 23.44 -20.69
N LEU E 59 29.95 23.78 -21.92
CA LEU E 59 28.80 23.14 -22.52
C LEU E 59 29.08 21.67 -22.81
N ALA E 60 30.32 21.33 -23.17
CA ALA E 60 30.65 19.93 -23.44
C ALA E 60 30.67 19.13 -22.14
N SER E 61 31.17 19.71 -21.05
CA SER E 61 31.18 19.00 -19.78
C SER E 61 29.77 18.66 -19.32
N VAL E 62 28.80 19.52 -19.63
CA VAL E 62 27.41 19.21 -19.31
C VAL E 62 26.95 17.99 -20.11
N MET E 63 27.19 17.99 -21.41
CA MET E 63 26.72 16.90 -22.25
C MET E 63 27.46 15.60 -21.99
N GLU E 64 28.64 15.65 -21.36
CA GLU E 64 29.28 14.42 -20.93
C GLU E 64 28.42 13.68 -19.92
N ARG E 65 27.69 14.40 -19.08
CA ARG E 65 26.81 13.76 -18.11
C ARG E 65 25.73 12.91 -18.79
N ALA E 66 25.39 13.22 -20.04
CA ALA E 66 24.41 12.44 -20.79
C ALA E 66 25.06 11.47 -21.76
N GLY E 67 26.36 11.21 -21.63
CA GLY E 67 27.03 10.24 -22.45
C GLY E 67 27.42 10.72 -23.83
N GLU E 68 27.52 12.03 -24.04
CA GLU E 68 27.85 12.61 -25.33
C GLU E 68 29.23 13.24 -25.29
N SER E 69 29.97 13.07 -26.39
CA SER E 69 31.30 13.66 -26.55
C SER E 69 31.29 14.58 -27.75
N LEU E 70 31.82 15.79 -27.57
CA LEU E 70 31.82 16.78 -28.64
C LEU E 70 32.68 16.29 -29.81
N ARG E 71 32.22 16.58 -31.03
CA ARG E 71 32.89 16.12 -32.24
C ARG E 71 33.21 17.28 -33.17
N GLN E 72 32.38 18.32 -33.15
CA GLN E 72 32.52 19.42 -34.08
C GLN E 72 31.74 20.62 -33.53
N ASN E 73 32.31 21.80 -33.66
CA ASN E 73 31.68 23.02 -33.16
C ASN E 73 31.86 24.13 -34.18
N SER E 74 30.77 24.82 -34.49
CA SER E 74 30.77 25.90 -35.46
C SER E 74 30.37 27.20 -34.76
N ALA E 75 31.06 28.28 -35.13
CA ALA E 75 30.78 29.61 -34.59
C ALA E 75 30.22 30.48 -35.70
N GLU E 76 29.04 31.05 -35.45
CA GLU E 76 28.37 31.92 -36.39
C GLU E 76 27.97 33.21 -35.68
N LEU E 77 27.45 34.14 -36.46
CA LEU E 77 27.02 35.43 -35.92
C LEU E 77 25.80 35.23 -35.03
N GLY E 78 25.99 35.35 -33.73
CA GLY E 78 24.92 35.19 -32.77
C GLY E 78 24.57 33.76 -32.40
N ILE E 79 25.34 32.78 -32.88
CA ILE E 79 25.00 31.37 -32.69
C ILE E 79 26.26 30.56 -32.45
N HIS E 80 26.18 29.62 -31.53
CA HIS E 80 27.19 28.58 -31.34
C HIS E 80 26.56 27.23 -31.53
N THR E 81 27.14 26.41 -32.41
CA THR E 81 26.66 25.07 -32.70
C THR E 81 27.66 24.04 -32.17
N LEU E 82 27.17 23.12 -31.35
CA LEU E 82 27.96 21.99 -30.87
C LEU E 82 27.33 20.72 -31.42
N LYS E 83 28.12 19.94 -32.16
CA LYS E 83 27.67 18.68 -32.75
C LYS E 83 28.30 17.52 -31.99
N PHE E 84 27.46 16.66 -31.45
CA PHE E 84 27.89 15.45 -30.75
C PHE E 84 27.54 14.23 -31.60
N ASP E 85 27.83 13.05 -31.06
CA ASP E 85 27.52 11.82 -31.77
C ASP E 85 26.04 11.72 -32.08
N ARG E 86 25.19 11.92 -31.06
CA ARG E 86 23.76 11.70 -31.20
C ARG E 86 22.92 12.92 -30.81
N SER E 87 23.54 14.10 -30.72
CA SER E 87 22.80 15.28 -30.28
C SER E 87 23.37 16.52 -30.92
N LEU E 88 22.54 17.56 -30.99
CA LEU E 88 22.89 18.83 -31.59
C LEU E 88 22.47 19.95 -30.65
N LEU E 89 23.42 20.79 -30.26
CA LEU E 89 23.19 21.86 -29.29
C LEU E 89 23.38 23.21 -29.97
N VAL E 90 22.37 24.08 -29.83
CA VAL E 90 22.42 25.45 -30.31
C VAL E 90 22.41 26.37 -29.10
N PHE E 91 23.25 27.41 -29.15
CA PHE E 91 23.38 28.35 -28.04
C PHE E 91 23.39 29.77 -28.60
N THR E 92 22.32 30.52 -28.34
CA THR E 92 22.23 31.93 -28.70
C THR E 92 22.14 32.77 -27.43
N ALA E 93 21.99 34.08 -27.61
CA ALA E 93 21.82 34.97 -26.47
C ALA E 93 20.49 34.76 -25.77
N LYS E 94 19.49 34.21 -26.46
CA LYS E 94 18.15 34.07 -25.92
C LYS E 94 17.85 32.69 -25.36
N GLN E 95 18.53 31.65 -25.83
CA GLN E 95 18.13 30.29 -25.48
C GLN E 95 19.30 29.34 -25.64
N ILE E 96 19.15 28.17 -25.02
CA ILE E 96 19.99 27.00 -25.29
C ILE E 96 19.05 25.85 -25.63
N VAL E 97 19.28 25.21 -26.76
CA VAL E 97 18.44 24.11 -27.22
C VAL E 97 19.34 22.95 -27.61
N VAL E 98 19.02 21.76 -27.11
CA VAL E 98 19.73 20.54 -27.45
C VAL E 98 18.71 19.50 -27.88
N ARG E 99 18.89 18.95 -29.07
CA ARG E 99 18.06 17.86 -29.58
C ARG E 99 18.91 16.61 -29.72
N SER E 100 18.35 15.47 -29.34
CA SER E 100 19.12 14.23 -29.33
C SER E 100 18.22 13.07 -29.71
N SER E 101 18.86 11.92 -29.97
CA SER E 101 18.14 10.69 -30.21
C SER E 101 17.75 10.03 -28.88
N VAL E 102 16.96 8.97 -28.98
CA VAL E 102 16.42 8.32 -27.77
C VAL E 102 17.54 7.70 -26.94
N SER E 103 18.58 7.17 -27.58
CA SER E 103 19.65 6.52 -26.83
C SER E 103 20.35 7.48 -25.88
N VAL E 104 20.17 8.79 -26.05
CA VAL E 104 20.79 9.78 -25.18
C VAL E 104 19.89 9.98 -23.97
N MET E 105 20.44 9.81 -22.77
CA MET E 105 19.73 10.08 -21.53
C MET E 105 19.83 11.58 -21.25
N LEU E 106 19.03 12.34 -22.01
CA LEU E 106 19.15 13.79 -22.00
C LEU E 106 18.78 14.40 -20.65
N HIS E 107 17.90 13.73 -19.88
CA HIS E 107 17.49 14.27 -18.59
C HIS E 107 18.66 14.34 -17.61
N GLU E 108 19.75 13.60 -17.86
CA GLU E 108 20.91 13.67 -16.99
C GLU E 108 21.68 14.97 -17.14
N ALA E 109 21.41 15.75 -18.19
CA ALA E 109 22.08 17.03 -18.40
C ALA E 109 21.27 18.22 -17.90
N VAL E 110 20.05 18.01 -17.43
CA VAL E 110 19.22 19.12 -16.97
C VAL E 110 19.89 19.82 -15.79
N HIS E 111 20.10 19.09 -14.70
CA HIS E 111 20.70 19.70 -13.51
C HIS E 111 22.09 20.23 -13.77
N PRO E 112 23.02 19.48 -14.38
CA PRO E 112 24.34 20.07 -14.69
C PRO E 112 24.23 21.34 -15.53
N MET E 113 23.32 21.36 -16.50
CA MET E 113 23.13 22.57 -17.31
C MET E 113 22.67 23.73 -16.45
N LEU E 114 21.67 23.49 -15.60
CA LEU E 114 21.19 24.55 -14.71
C LEU E 114 22.28 25.03 -13.78
N GLU E 115 23.07 24.09 -13.23
CA GLU E 115 24.18 24.49 -12.38
C GLU E 115 25.18 25.34 -13.15
N LEU E 116 25.39 25.03 -14.42
CA LEU E 116 26.26 25.85 -15.26
C LEU E 116 25.73 27.26 -15.40
N MET E 117 24.41 27.39 -15.56
CA MET E 117 23.80 28.72 -15.63
C MET E 117 23.94 29.48 -14.32
N ARG E 118 23.86 28.76 -13.19
CA ARG E 118 24.01 29.42 -11.89
C ARG E 118 25.43 29.96 -11.72
N SER E 119 26.44 29.19 -12.12
CA SER E 119 27.82 29.62 -11.94
C SER E 119 28.09 30.92 -12.70
N HIS E 120 27.43 31.12 -13.83
CA HIS E 120 27.58 32.34 -14.61
C HIS E 120 26.56 33.41 -14.25
N ASN E 121 25.83 33.24 -13.15
CA ASN E 121 24.85 34.22 -12.69
C ASN E 121 23.76 34.43 -13.74
N ILE E 122 23.39 33.37 -14.44
CA ILE E 122 22.36 33.41 -15.47
C ILE E 122 21.08 32.84 -14.87
N ILE E 123 19.99 33.61 -14.92
CA ILE E 123 18.71 33.17 -14.41
C ILE E 123 17.93 32.52 -15.54
N VAL E 124 17.50 31.28 -15.33
CA VAL E 124 16.58 30.61 -16.23
C VAL E 124 15.17 30.94 -15.77
N ASP E 125 14.38 31.54 -16.66
CA ASP E 125 12.99 31.88 -16.36
C ASP E 125 11.99 31.08 -17.18
N TRP E 126 12.46 30.27 -18.13
CA TRP E 126 11.58 29.41 -18.91
C TRP E 126 12.39 28.22 -19.40
N ALA E 127 11.78 27.03 -19.36
CA ALA E 127 12.48 25.82 -19.75
C ALA E 127 11.47 24.78 -20.20
N SER E 128 11.90 23.89 -21.08
CA SER E 128 11.01 22.85 -21.58
C SER E 128 11.81 21.59 -21.92
N PHE E 129 11.18 20.44 -21.70
CA PHE E 129 11.70 19.15 -22.11
C PHE E 129 10.64 18.48 -22.95
N MET E 130 11.01 18.02 -24.14
CA MET E 130 10.05 17.53 -25.11
C MET E 130 10.57 16.24 -25.72
N ARG E 131 9.69 15.26 -25.84
CA ARG E 131 10.00 14.01 -26.52
C ARG E 131 8.85 13.65 -27.45
N VAL E 132 9.20 13.15 -28.64
CA VAL E 132 8.21 12.72 -29.62
C VAL E 132 8.14 11.19 -29.53
N ASN E 133 6.94 10.69 -29.23
CA ASN E 133 6.73 9.26 -29.03
C ASN E 133 6.00 8.67 -30.24
N TYR E 134 6.45 7.48 -30.65
CA TYR E 134 5.77 6.71 -31.68
C TYR E 134 5.29 5.37 -31.16
N GLY E 135 5.45 5.10 -29.86
CA GLY E 135 4.78 3.99 -29.21
C GLY E 135 4.09 4.49 -27.95
N SER E 136 3.36 3.59 -27.33
CA SER E 136 2.60 3.98 -26.16
C SER E 136 3.48 3.92 -24.91
N PRO E 137 3.41 4.91 -24.02
CA PRO E 137 4.10 4.80 -22.74
C PRO E 137 3.47 3.78 -21.81
N TRP E 138 2.37 3.16 -22.21
CA TRP E 138 1.72 2.12 -21.43
C TRP E 138 2.03 0.72 -21.95
N ASP E 139 3.04 0.60 -22.81
CA ASP E 139 3.55 -0.71 -23.25
C ASP E 139 4.54 -1.19 -22.18
N MET E 140 4.07 -2.09 -21.32
CA MET E 140 4.87 -2.53 -20.17
C MET E 140 6.06 -3.39 -20.57
N THR E 141 6.23 -3.71 -21.85
CA THR E 141 7.44 -4.37 -22.31
C THR E 141 8.55 -3.39 -22.65
N SER E 142 8.21 -2.11 -22.86
CA SER E 142 9.16 -1.10 -23.28
C SER E 142 9.73 -0.36 -22.08
N GLU E 143 10.88 0.29 -22.31
CA GLU E 143 11.49 1.16 -21.30
C GLU E 143 10.88 2.55 -21.28
N THR E 144 10.01 2.87 -22.23
CA THR E 144 9.54 4.25 -22.39
C THR E 144 9.06 4.84 -21.06
N SER E 145 8.19 4.11 -20.35
CA SER E 145 7.63 4.62 -19.11
C SER E 145 8.70 4.85 -18.06
N ASP E 146 9.69 3.95 -17.98
CA ASP E 146 10.74 4.09 -16.99
C ASP E 146 11.59 5.33 -17.26
N ILE E 147 11.91 5.59 -18.53
CA ILE E 147 12.70 6.78 -18.87
C ILE E 147 11.89 8.04 -18.63
N MET E 148 10.59 8.01 -18.94
CA MET E 148 9.75 9.18 -18.73
C MET E 148 9.59 9.48 -17.25
N ALA E 149 9.51 8.45 -16.41
CA ALA E 149 9.47 8.67 -14.97
C ALA E 149 10.77 9.34 -14.50
N HIS E 150 11.91 8.90 -15.04
CA HIS E 150 13.18 9.52 -14.68
C HIS E 150 13.26 10.94 -15.22
N GLU E 151 12.88 11.15 -16.48
CA GLU E 151 12.84 12.49 -17.04
C GLU E 151 11.99 13.41 -16.19
N TYR E 152 10.85 12.92 -15.71
CA TYR E 152 10.00 13.74 -14.85
C TYR E 152 10.65 13.97 -13.49
N ALA E 153 11.36 12.96 -12.99
CA ALA E 153 12.07 13.13 -11.72
C ALA E 153 13.03 14.32 -11.78
N GLU E 154 13.92 14.32 -12.77
CA GLU E 154 14.90 15.40 -12.89
C GLU E 154 14.21 16.73 -13.17
N LEU E 155 13.18 16.73 -14.02
CA LEU E 155 12.56 17.98 -14.43
C LEU E 155 11.75 18.59 -13.28
N LYS E 156 10.83 17.81 -12.70
CA LYS E 156 10.05 18.32 -11.59
C LYS E 156 10.94 18.66 -10.39
N SER E 157 12.04 17.93 -10.23
CA SER E 157 12.98 18.23 -9.16
C SER E 157 13.66 19.57 -9.41
N ALA E 158 13.99 19.87 -10.67
CA ALA E 158 14.63 21.14 -10.99
C ALA E 158 13.62 22.28 -11.01
N PHE E 159 12.44 22.05 -11.57
CA PHE E 159 11.40 23.07 -11.68
C PHE E 159 10.14 22.53 -11.00
N PRO E 160 10.06 22.59 -9.68
CA PRO E 160 8.86 22.12 -8.98
C PRO E 160 7.58 22.76 -9.50
N THR E 161 7.64 24.02 -9.94
CA THR E 161 6.47 24.70 -10.48
C THR E 161 6.23 24.40 -11.96
N GLY E 162 7.08 23.60 -12.59
CA GLY E 162 6.81 23.13 -13.93
C GLY E 162 5.76 22.04 -13.93
N HIS E 163 5.29 21.69 -15.12
CA HIS E 163 4.22 20.70 -15.26
C HIS E 163 4.41 19.91 -16.54
N PRO E 164 4.06 18.63 -16.54
CA PRO E 164 4.09 17.85 -17.78
C PRO E 164 2.76 17.90 -18.52
N TYR E 165 2.84 17.67 -19.83
CA TYR E 165 1.68 17.69 -20.71
C TYR E 165 1.84 16.61 -21.78
N LEU E 166 0.71 16.00 -22.16
CA LEU E 166 0.68 15.01 -23.23
C LEU E 166 -0.24 15.52 -24.33
N ALA E 167 0.34 15.96 -25.43
CA ALA E 167 -0.41 16.50 -26.56
C ALA E 167 -0.56 15.42 -27.63
N GLY E 168 -1.80 15.02 -27.88
CA GLY E 168 -2.08 14.01 -28.87
C GLY E 168 -2.57 12.72 -28.24
N PRO E 169 -2.95 11.75 -29.07
CA PRO E 169 -3.40 10.46 -28.53
C PRO E 169 -2.25 9.71 -27.87
N VAL E 170 -2.48 9.24 -26.65
CA VAL E 170 -1.43 8.54 -25.92
C VAL E 170 -1.02 7.27 -26.65
N ASP E 171 -1.91 6.71 -27.47
CA ASP E 171 -1.66 5.47 -28.18
C ASP E 171 -1.23 5.67 -29.62
N ARG E 172 -1.18 6.92 -30.09
CA ARG E 172 -0.70 7.24 -31.44
C ARG E 172 0.49 8.18 -31.32
N ASP E 173 0.91 8.74 -32.46
CA ASP E 173 1.95 9.75 -32.46
C ASP E 173 1.52 10.93 -31.58
N HIS E 174 2.40 11.32 -30.66
CA HIS E 174 2.09 12.40 -29.74
C HIS E 174 3.39 12.98 -29.22
N CYS E 175 3.28 14.10 -28.52
CA CYS E 175 4.41 14.75 -27.89
C CYS E 175 4.16 14.86 -26.40
N PHE E 176 5.19 14.59 -25.61
CA PHE E 176 5.15 14.75 -24.16
C PHE E 176 6.02 15.95 -23.80
N TYR E 177 5.42 16.97 -23.21
CA TYR E 177 6.11 18.19 -22.82
C TYR E 177 6.25 18.26 -21.31
N PHE E 178 7.31 18.94 -20.87
CA PHE E 178 7.39 19.50 -19.54
C PHE E 178 7.75 20.97 -19.71
N VAL E 179 6.98 21.86 -19.08
CA VAL E 179 7.14 23.30 -19.26
C VAL E 179 7.24 23.94 -17.90
N TYR E 180 8.34 24.65 -17.66
CA TYR E 180 8.49 25.53 -16.52
C TYR E 180 8.38 26.97 -17.00
N ASP E 181 7.53 27.75 -16.34
CA ASP E 181 7.29 29.14 -16.72
C ASP E 181 7.44 30.01 -15.48
N GLY E 182 8.59 30.66 -15.35
CA GLY E 182 8.83 31.62 -14.29
C GLY E 182 9.13 33.00 -14.85
N ILE E 183 8.56 33.29 -16.02
CA ILE E 183 8.78 34.58 -16.66
C ILE E 183 8.12 35.67 -15.83
N ASP E 184 8.88 36.72 -15.52
CA ASP E 184 8.35 37.86 -14.78
C ASP E 184 7.57 38.74 -15.74
N ARG E 185 6.24 38.75 -15.60
CA ARG E 185 5.35 39.49 -16.49
C ARG E 185 4.83 40.77 -15.85
N ASP E 186 5.47 41.25 -14.80
CA ASP E 186 5.08 42.51 -14.21
C ASP E 186 5.15 43.60 -15.28
N PRO E 187 4.14 44.47 -15.40
CA PRO E 187 4.19 45.50 -16.45
C PRO E 187 5.49 46.28 -16.50
N SER E 188 6.18 46.41 -15.36
CA SER E 188 7.49 47.05 -15.36
C SER E 188 8.56 46.18 -16.02
N SER E 189 8.37 44.87 -16.06
CA SER E 189 9.33 43.98 -16.68
C SER E 189 9.42 44.24 -18.19
N CYS E 190 10.62 44.08 -18.73
CA CYS E 190 10.88 44.28 -20.15
C CYS E 190 11.04 42.97 -20.91
N ARG E 191 10.84 41.83 -20.25
CA ARG E 191 10.93 40.54 -20.92
C ARG E 191 9.87 40.44 -22.00
N ARG E 192 10.32 40.34 -23.25
CA ARG E 192 9.43 40.23 -24.40
C ARG E 192 9.34 38.78 -24.84
N GLU E 193 8.13 38.37 -25.26
CA GLU E 193 7.84 36.99 -25.64
C GLU E 193 7.32 36.99 -27.07
N ASN E 194 8.23 37.12 -28.03
CA ASN E 194 7.87 37.06 -29.45
C ASN E 194 8.79 36.10 -30.18
N ASP E 195 8.93 34.89 -29.64
CA ASP E 195 9.78 33.87 -30.23
C ASP E 195 8.99 33.07 -31.27
N VAL E 196 9.74 32.40 -32.15
CA VAL E 196 9.19 31.50 -33.14
C VAL E 196 9.80 30.13 -32.92
N GLN E 197 8.96 29.10 -32.87
CA GLN E 197 9.42 27.71 -32.81
C GLN E 197 8.51 26.88 -33.68
N ILE E 198 9.08 26.30 -34.73
CA ILE E 198 8.34 25.45 -35.67
C ILE E 198 9.09 24.14 -35.80
N ASN E 199 8.45 23.04 -35.42
CA ASN E 199 9.06 21.72 -35.43
C ASN E 199 8.28 20.81 -36.38
N VAL E 200 9.01 20.11 -37.24
CA VAL E 200 8.44 19.20 -38.23
C VAL E 200 9.09 17.84 -38.02
N TYR E 201 8.32 16.87 -37.55
CA TYR E 201 8.80 15.52 -37.34
C TYR E 201 8.26 14.62 -38.45
N MET E 202 9.15 13.84 -39.06
CA MET E 202 8.83 13.06 -40.24
C MET E 202 9.23 11.61 -39.99
N TYR E 203 8.24 10.74 -39.85
CA TYR E 203 8.47 9.33 -39.55
C TYR E 203 8.55 8.52 -40.84
N ASN E 204 9.50 7.58 -40.86
CA ASN E 204 9.68 6.68 -41.99
C ASN E 204 9.84 7.46 -43.30
N VAL E 205 11.05 7.94 -43.56
CA VAL E 205 11.35 8.67 -44.77
C VAL E 205 12.34 7.85 -45.61
N GLN E 206 12.63 8.33 -46.81
CA GLN E 206 13.59 7.68 -47.68
C GLN E 206 14.84 8.53 -47.84
N GLU E 219 23.38 9.61 -40.75
CA GLU E 219 23.28 10.33 -39.48
C GLU E 219 23.70 11.79 -39.65
N GLN E 220 22.80 12.57 -40.25
CA GLN E 220 23.09 13.98 -40.52
C GLN E 220 22.64 14.86 -39.37
N GLN E 221 23.46 15.87 -39.05
CA GLN E 221 23.11 16.91 -38.11
C GLN E 221 23.73 18.20 -38.63
N LEU E 222 22.90 19.10 -39.15
CA LEU E 222 23.40 20.31 -39.79
C LEU E 222 22.55 21.49 -39.36
N LEU E 223 23.17 22.67 -39.37
CA LEU E 223 22.51 23.92 -39.02
C LEU E 223 22.80 24.95 -40.11
N VAL E 224 21.75 25.66 -40.52
CA VAL E 224 21.87 26.76 -41.47
C VAL E 224 21.18 27.98 -40.87
N SER E 225 21.68 29.15 -41.23
CA SER E 225 21.13 30.39 -40.71
C SER E 225 21.35 31.51 -41.72
N HIS E 226 20.38 32.43 -41.79
CA HIS E 226 20.49 33.61 -42.62
C HIS E 226 20.51 34.91 -41.83
N CYS E 227 19.99 34.92 -40.61
CA CYS E 227 20.01 36.09 -39.75
C CYS E 227 20.80 35.78 -38.49
N ALA E 228 21.01 36.81 -37.67
CA ALA E 228 21.75 36.67 -36.43
C ALA E 228 20.83 36.16 -35.32
N GLY E 229 21.25 35.07 -34.69
CA GLY E 229 20.45 34.46 -33.63
C GLY E 229 19.30 33.60 -34.11
N GLU E 230 19.06 33.54 -35.42
CA GLU E 230 18.02 32.70 -35.99
C GLU E 230 18.66 31.61 -36.85
N TYR E 231 18.04 30.44 -36.85
CA TYR E 231 18.65 29.26 -37.43
C TYR E 231 17.58 28.29 -37.91
N GLU E 232 18.02 27.33 -38.71
CA GLU E 232 17.23 26.16 -39.08
C GLU E 232 18.10 24.94 -38.90
N THR E 233 17.61 23.96 -38.15
CA THR E 233 18.34 22.74 -37.88
C THR E 233 17.59 21.54 -38.44
N LEU E 234 18.35 20.55 -38.89
CA LEU E 234 17.80 19.33 -39.45
C LEU E 234 18.63 18.15 -38.96
N ARG E 235 17.95 17.11 -38.50
CA ARG E 235 18.60 15.89 -38.02
C ARG E 235 18.00 14.70 -38.74
N VAL E 236 18.86 13.76 -39.14
CA VAL E 236 18.43 12.52 -39.76
C VAL E 236 19.12 11.38 -39.02
N SER E 237 18.34 10.37 -38.63
CA SER E 237 18.84 9.23 -37.89
C SER E 237 18.50 7.95 -38.63
N THR E 238 19.44 7.01 -38.64
CA THR E 238 19.25 5.74 -39.33
C THR E 238 19.79 4.58 -38.49
N THR E 242 13.60 2.60 -35.62
CA THR E 242 14.13 1.57 -36.51
C THR E 242 14.15 2.07 -37.94
N HIS E 243 13.10 2.82 -38.31
CA HIS E 243 12.99 3.38 -39.65
C HIS E 243 13.67 4.74 -39.73
N PRO E 244 13.94 5.23 -40.94
CA PRO E 244 14.54 6.55 -41.06
C PRO E 244 13.66 7.63 -40.43
N PHE E 245 14.30 8.58 -39.77
CA PHE E 245 13.62 9.65 -39.06
C PHE E 245 14.27 10.98 -39.40
N ALA E 246 13.44 11.98 -39.67
CA ALA E 246 13.91 13.31 -40.03
C ALA E 246 13.21 14.34 -39.13
N SER E 247 13.98 15.28 -38.60
CA SER E 247 13.48 16.24 -37.61
C SER E 247 13.97 17.63 -37.99
N PHE E 248 13.03 18.53 -38.28
CA PHE E 248 13.32 19.89 -38.69
C PHE E 248 12.84 20.87 -37.64
N GLU E 249 13.64 21.91 -37.39
CA GLU E 249 13.29 22.96 -36.45
C GLU E 249 13.81 24.28 -36.96
N THR E 250 13.08 25.36 -36.67
CA THR E 250 13.51 26.70 -37.04
C THR E 250 12.90 27.71 -36.08
N ASN E 251 13.67 28.76 -35.80
CA ASN E 251 13.19 29.90 -35.02
C ASN E 251 13.13 31.17 -35.84
N ALA E 252 13.36 31.08 -37.16
CA ALA E 252 13.42 32.26 -38.00
C ALA E 252 12.07 32.97 -38.03
N VAL E 253 12.07 34.26 -37.68
CA VAL E 253 10.83 35.03 -37.67
C VAL E 253 10.16 34.97 -39.03
N SER E 254 10.96 34.95 -40.11
CA SER E 254 10.39 34.87 -41.45
C SER E 254 9.66 33.54 -41.65
N ALA E 255 10.18 32.47 -41.07
CA ALA E 255 9.56 31.16 -41.22
C ALA E 255 8.15 31.12 -40.63
N ALA E 256 7.83 32.04 -39.72
CA ALA E 256 6.50 32.05 -39.11
C ALA E 256 5.41 32.21 -40.15
N SER E 257 5.65 33.05 -41.16
CA SER E 257 4.63 33.31 -42.18
C SER E 257 4.56 32.18 -43.20
N ASP E 258 5.68 31.89 -43.86
CA ASP E 258 5.70 30.89 -44.91
C ASP E 258 5.88 29.48 -44.36
N ILE E 259 5.10 29.15 -43.33
CA ILE E 259 5.14 27.80 -42.77
C ILE E 259 4.75 26.78 -43.83
N THR E 260 3.68 27.06 -44.58
CA THR E 260 3.20 26.11 -45.58
C THR E 260 4.26 25.82 -46.63
N LYS E 261 5.13 26.78 -46.91
CA LYS E 261 6.17 26.57 -47.91
C LYS E 261 7.22 25.59 -47.42
N ILE E 262 7.77 25.82 -46.22
CA ILE E 262 8.86 24.99 -45.72
C ILE E 262 8.40 23.55 -45.52
N VAL E 263 7.15 23.36 -45.11
CA VAL E 263 6.65 22.01 -44.86
C VAL E 263 6.48 21.26 -46.18
N ASN E 264 5.92 21.93 -47.19
CA ASN E 264 5.76 21.27 -48.49
C ASN E 264 7.10 20.85 -49.06
N GLY E 265 8.12 21.71 -48.92
CA GLY E 265 9.44 21.34 -49.37
C GLY E 265 9.98 20.12 -48.65
N LEU E 266 9.75 20.05 -47.34
CA LEU E 266 10.23 18.92 -46.55
C LEU E 266 9.54 17.63 -46.96
N LEU E 267 8.23 17.68 -47.22
CA LEU E 267 7.50 16.46 -47.56
C LEU E 267 7.93 15.91 -48.91
N LYS E 268 8.17 16.79 -49.88
CA LYS E 268 8.64 16.31 -51.18
C LYS E 268 10.08 15.85 -51.13
N LYS E 269 10.90 16.44 -50.25
CA LYS E 269 12.28 16.00 -50.12
C LYS E 269 12.37 14.64 -49.42
N PHE E 270 11.51 14.41 -48.44
CA PHE E 270 11.55 13.18 -47.64
C PHE E 270 10.42 12.22 -47.92
N TYR E 271 9.22 12.72 -48.25
CA TYR E 271 8.08 11.85 -48.52
C TYR E 271 7.85 10.92 -47.33
N PRO E 272 7.49 11.45 -46.18
CA PRO E 272 7.33 10.63 -44.98
C PRO E 272 6.02 9.85 -44.97
N GLU E 273 5.97 8.86 -44.07
CA GLU E 273 4.74 8.11 -43.87
C GLU E 273 3.80 8.82 -42.92
N ARG E 274 4.33 9.39 -41.85
CA ARG E 274 3.54 10.15 -40.88
C ARG E 274 4.27 11.43 -40.53
N VAL E 275 3.51 12.49 -40.29
CA VAL E 275 4.05 13.80 -39.99
C VAL E 275 3.45 14.31 -38.69
N LEU E 276 4.25 15.03 -37.91
CA LEU E 276 3.80 15.65 -36.68
C LEU E 276 4.37 17.07 -36.65
N LEU E 277 3.49 18.07 -36.62
CA LEU E 277 3.87 19.47 -36.62
C LEU E 277 3.61 20.07 -35.25
N VAL E 278 4.51 20.95 -34.81
CA VAL E 278 4.33 21.75 -33.61
C VAL E 278 4.64 23.19 -33.96
N LEU E 279 3.71 24.09 -33.65
CA LEU E 279 3.84 25.51 -33.96
C LEU E 279 3.71 26.31 -32.68
N LEU E 280 4.73 27.13 -32.38
CA LEU E 280 4.70 28.02 -31.24
C LEU E 280 4.09 29.35 -31.65
N GLN E 281 3.05 29.76 -30.93
CA GLN E 281 2.45 31.09 -31.06
C GLN E 281 2.73 31.79 -29.73
N ASP E 282 3.73 32.67 -29.71
CA ASP E 282 4.15 33.27 -28.46
C ASP E 282 3.14 34.32 -28.00
N ARG E 283 3.38 34.83 -26.79
CA ARG E 283 2.47 35.78 -26.18
C ARG E 283 2.31 37.03 -27.03
N ASP E 284 3.41 37.54 -27.58
CA ASP E 284 3.36 38.71 -28.46
C ASP E 284 3.26 38.24 -29.92
N ALA E 285 2.13 37.60 -30.21
CA ALA E 285 1.89 37.03 -31.54
C ALA E 285 2.02 38.09 -32.63
N MET E 294 -1.83 23.96 -40.88
CA MET E 294 -2.14 22.85 -39.99
C MET E 294 -3.54 22.30 -40.23
N ASP E 295 -4.21 22.79 -41.27
CA ASP E 295 -5.57 22.37 -41.57
C ASP E 295 -5.62 21.25 -42.61
N ARG E 296 -4.75 21.29 -43.61
CA ARG E 296 -4.70 20.24 -44.63
C ARG E 296 -3.30 20.18 -45.22
N LEU E 297 -2.75 18.98 -45.32
CA LEU E 297 -1.47 18.74 -45.96
C LEU E 297 -1.69 17.86 -47.19
N GLU E 298 -1.10 18.27 -48.31
CA GLU E 298 -1.29 17.55 -49.56
C GLU E 298 -0.89 16.09 -49.42
N GLY E 299 -1.82 15.19 -49.70
CA GLY E 299 -1.55 13.77 -49.63
C GLY E 299 -1.62 13.17 -48.25
N PHE E 300 -2.02 13.95 -47.24
CA PHE E 300 -2.07 13.49 -45.87
C PHE E 300 -3.44 13.77 -45.28
N THR E 301 -3.86 12.89 -44.37
CA THR E 301 -5.10 13.05 -43.62
C THR E 301 -4.79 13.41 -42.18
N VAL E 302 -5.63 14.25 -41.59
CA VAL E 302 -5.43 14.70 -40.22
C VAL E 302 -5.77 13.54 -39.28
N VAL E 303 -4.77 13.04 -38.56
CA VAL E 303 -5.01 12.04 -37.52
C VAL E 303 -5.53 12.70 -36.26
N HIS E 304 -4.84 13.76 -35.81
CA HIS E 304 -5.25 14.47 -34.60
C HIS E 304 -4.87 15.93 -34.74
N ARG E 305 -5.62 16.78 -34.01
CA ARG E 305 -5.41 18.23 -34.06
C ARG E 305 -5.74 18.80 -32.69
N GLY E 306 -4.88 19.66 -32.17
CA GLY E 306 -5.10 20.22 -30.84
C GLY E 306 -4.12 21.33 -30.55
N ALA E 307 -4.35 21.98 -29.40
CA ALA E 307 -3.53 23.11 -28.98
C ALA E 307 -3.53 23.20 -27.46
N ASN E 308 -2.41 23.69 -26.92
CA ASN E 308 -2.23 23.86 -25.48
C ASN E 308 -2.00 25.34 -25.19
N HIS E 309 -2.98 25.99 -24.59
CA HIS E 309 -2.90 27.42 -24.27
C HIS E 309 -2.40 27.57 -22.84
N PHE E 310 -1.15 28.03 -22.71
CA PHE E 310 -0.56 28.21 -21.39
C PHE E 310 -1.00 29.52 -20.75
N GLY E 311 -1.08 29.50 -19.43
CA GLY E 311 -1.52 30.69 -18.70
C GLY E 311 -0.70 31.92 -19.03
N GLY E 312 0.57 31.73 -19.41
CA GLY E 312 1.42 32.84 -19.79
C GLY E 312 1.03 33.54 -21.07
N GLY E 313 -0.02 33.08 -21.76
CA GLY E 313 -0.51 33.71 -22.96
C GLY E 313 -0.15 32.97 -24.24
N TYR E 314 0.95 32.21 -24.23
CA TYR E 314 1.41 31.52 -25.42
C TYR E 314 0.71 30.17 -25.56
N VAL E 315 0.71 29.64 -26.78
CA VAL E 315 0.03 28.39 -27.09
C VAL E 315 0.90 27.57 -28.02
N PHE E 316 0.84 26.24 -27.85
CA PHE E 316 1.55 25.29 -28.69
C PHE E 316 0.54 24.50 -29.51
N HIS E 317 0.50 24.78 -30.81
CA HIS E 317 -0.38 24.05 -31.72
C HIS E 317 0.30 22.77 -32.18
N GLN E 318 -0.46 21.68 -32.21
CA GLN E 318 0.05 20.40 -32.67
C GLN E 318 -0.97 19.75 -33.60
N ALA E 319 -0.47 19.07 -34.63
CA ALA E 319 -1.31 18.35 -35.56
C ALA E 319 -0.55 17.13 -36.06
N THR E 320 -1.24 15.99 -36.12
CA THR E 320 -0.68 14.73 -36.60
C THR E 320 -1.28 14.39 -37.96
N TYR E 321 -0.49 13.72 -38.78
CA TYR E 321 -0.89 13.37 -40.14
C TYR E 321 -0.40 11.99 -40.50
N ALA E 322 -1.09 11.37 -41.47
CA ALA E 322 -0.67 10.11 -42.05
C ALA E 322 -0.95 10.15 -43.55
N ARG E 323 -0.20 9.37 -44.30
CA ARG E 323 -0.36 9.34 -45.76
C ARG E 323 -1.78 8.91 -46.11
N SER E 324 -2.39 9.62 -47.05
CA SER E 324 -3.73 9.31 -47.50
C SER E 324 -3.84 7.85 -47.94
N ALA E 325 -3.07 7.48 -48.96
CA ALA E 325 -3.06 6.11 -49.44
C ALA E 325 -1.64 5.71 -49.85
N THR F 4 1.50 9.95 8.79
CA THR F 4 1.81 10.43 7.44
C THR F 4 1.91 9.27 6.47
N ARG F 5 0.87 8.44 6.43
CA ARG F 5 0.85 7.25 5.59
C ARG F 5 -0.42 7.24 4.73
N ILE F 6 -0.30 6.60 3.57
CA ILE F 6 -1.41 6.38 2.66
C ILE F 6 -1.46 4.90 2.32
N ASN F 7 -2.57 4.49 1.72
CA ASN F 7 -2.78 3.10 1.34
C ASN F 7 -2.30 2.86 -0.08
N GLN F 8 -1.46 1.84 -0.26
CA GLN F 8 -0.90 1.48 -1.55
C GLN F 8 -1.47 0.14 -1.96
N GLN F 9 -2.51 0.15 -2.79
CA GLN F 9 -3.03 -1.07 -3.38
C GLN F 9 -1.95 -1.77 -4.17
N THR F 10 -1.48 -2.92 -3.68
CA THR F 10 -0.39 -3.64 -4.32
C THR F 10 -0.67 -5.14 -4.24
N GLU F 11 0.11 -5.91 -5.01
CA GLU F 11 -0.08 -7.34 -5.08
C GLU F 11 0.52 -8.05 -3.87
N CYS F 12 -0.08 -9.18 -3.52
CA CYS F 12 0.50 -10.06 -2.52
C CYS F 12 1.68 -10.81 -3.14
N PRO F 13 2.85 -10.82 -2.51
CA PRO F 13 3.96 -11.62 -3.04
C PRO F 13 3.56 -13.07 -3.20
N SER F 14 3.87 -13.64 -4.35
CA SER F 14 3.56 -15.03 -4.64
C SER F 14 4.52 -16.00 -3.96
N SER F 15 5.66 -15.51 -3.46
CA SER F 15 6.63 -16.36 -2.79
C SER F 15 7.28 -15.55 -1.68
N VAL F 16 8.01 -16.25 -0.81
CA VAL F 16 8.71 -15.57 0.28
C VAL F 16 9.81 -14.68 -0.27
N HIS F 17 10.40 -15.05 -1.41
CA HIS F 17 11.45 -14.24 -1.99
C HIS F 17 10.92 -12.90 -2.48
N ASP F 18 9.74 -12.90 -3.10
CA ASP F 18 9.13 -11.65 -3.54
C ASP F 18 8.76 -10.77 -2.35
N LEU F 19 8.33 -11.38 -1.24
CA LEU F 19 7.98 -10.59 -0.06
C LEU F 19 9.21 -9.89 0.52
N VAL F 20 10.36 -10.57 0.53
CA VAL F 20 11.57 -9.98 1.10
C VAL F 20 12.01 -8.78 0.27
N SER F 21 12.26 -8.99 -1.02
CA SER F 21 12.78 -7.92 -1.85
C SER F 21 11.80 -6.75 -1.95
N CYS F 22 10.51 -7.05 -2.08
CA CYS F 22 9.51 -5.99 -2.25
C CYS F 22 9.22 -5.27 -0.94
N TRP F 23 8.73 -6.01 0.06
CA TRP F 23 8.27 -5.45 1.31
C TRP F 23 9.37 -5.32 2.36
N GLY F 24 10.59 -5.76 2.07
CA GLY F 24 11.68 -5.68 3.02
C GLY F 24 12.58 -4.48 2.78
N SER F 32 25.93 -0.75 11.37
CA SER F 32 26.49 -1.87 12.12
C SER F 32 26.19 -3.19 11.42
N THR F 33 27.00 -4.21 11.73
CA THR F 33 26.88 -5.50 11.06
C THR F 33 26.00 -6.45 11.87
N ASP F 34 25.91 -7.70 11.39
CA ASP F 34 25.07 -8.69 12.03
C ASP F 34 25.44 -8.85 13.50
N SER F 35 24.44 -8.77 14.37
CA SER F 35 24.66 -8.76 15.81
C SER F 35 24.64 -10.15 16.43
N GLY F 36 24.34 -11.19 15.66
CA GLY F 36 24.35 -12.52 16.22
C GLY F 36 25.72 -12.92 16.72
N LEU F 37 25.83 -14.13 17.27
CA LEU F 37 27.12 -14.69 17.64
C LEU F 37 27.45 -15.98 16.94
N GLU F 38 26.46 -16.78 16.55
CA GLU F 38 26.72 -18.04 15.87
C GLU F 38 25.47 -18.49 15.14
N LYS F 39 25.69 -19.12 13.99
CA LYS F 39 24.63 -19.75 13.21
C LYS F 39 24.85 -21.25 13.18
N ARG F 40 23.74 -21.99 13.10
CA ARG F 40 23.78 -23.45 13.15
C ARG F 40 22.73 -24.02 12.20
N PHE F 41 23.17 -24.92 11.31
CA PHE F 41 22.30 -25.52 10.30
C PHE F 41 22.39 -27.03 10.41
N GLU F 42 21.24 -27.69 10.50
CA GLU F 42 21.20 -29.12 10.75
C GLU F 42 20.18 -29.80 9.84
N LEU F 43 20.54 -30.98 9.32
CA LEU F 43 19.65 -31.84 8.57
C LEU F 43 19.67 -33.22 9.20
N ASN F 44 18.49 -33.83 9.33
CA ASN F 44 18.37 -35.23 9.70
C ASN F 44 17.70 -36.00 8.57
N PHE F 45 17.96 -37.29 8.52
CA PHE F 45 17.60 -38.12 7.39
C PHE F 45 16.54 -39.15 7.78
N ALA F 46 15.69 -39.49 6.81
CA ALA F 46 14.67 -40.51 7.05
C ALA F 46 15.30 -41.87 7.28
N GLN F 47 16.49 -42.10 6.75
CA GLN F 47 17.24 -43.33 6.96
C GLN F 47 18.71 -42.98 7.17
N PRO F 48 19.42 -43.70 8.03
CA PRO F 48 20.86 -43.42 8.20
C PRO F 48 21.60 -43.54 6.89
N VAL F 49 22.68 -42.76 6.77
CA VAL F 49 23.43 -42.63 5.52
C VAL F 49 24.79 -43.28 5.71
N ASP F 50 25.23 -44.02 4.68
CA ASP F 50 26.58 -44.56 4.67
C ASP F 50 27.59 -43.44 4.85
N ILE F 51 28.46 -43.58 5.86
CA ILE F 51 29.39 -42.51 6.22
C ILE F 51 30.15 -41.99 5.00
N GLY F 52 30.46 -42.86 4.05
CA GLY F 52 31.30 -42.50 2.94
C GLY F 52 30.61 -42.18 1.63
N THR F 53 29.28 -42.31 1.56
CA THR F 53 28.60 -42.05 0.29
C THR F 53 28.69 -40.58 -0.09
N VAL F 54 28.56 -39.68 0.88
CA VAL F 54 28.75 -38.24 0.66
C VAL F 54 30.22 -37.93 0.88
N THR F 55 30.87 -37.38 -0.13
CA THR F 55 32.31 -37.16 -0.09
C THR F 55 32.65 -35.83 0.59
N VAL F 56 33.92 -35.69 0.96
CA VAL F 56 34.40 -34.42 1.49
C VAL F 56 34.37 -33.36 0.40
N LYS F 57 34.62 -33.74 -0.85
CA LYS F 57 34.60 -32.79 -1.94
C LYS F 57 33.21 -32.19 -2.10
N GLN F 58 32.17 -33.03 -2.08
CA GLN F 58 30.81 -32.56 -2.31
C GLN F 58 30.35 -31.65 -1.18
N LEU F 59 30.67 -32.01 0.07
CA LEU F 59 30.33 -31.14 1.20
C LEU F 59 31.06 -29.80 1.10
N ALA F 60 32.30 -29.83 0.58
CA ALA F 60 33.07 -28.59 0.46
C ALA F 60 32.49 -27.68 -0.61
N SER F 61 32.07 -28.24 -1.74
CA SER F 61 31.49 -27.42 -2.80
C SER F 61 30.19 -26.76 -2.33
N VAL F 62 29.44 -27.42 -1.45
CA VAL F 62 28.24 -26.80 -0.88
C VAL F 62 28.65 -25.58 -0.06
N MET F 63 29.66 -25.73 0.80
CA MET F 63 30.08 -24.62 1.66
C MET F 63 30.74 -23.51 0.88
N GLU F 64 31.23 -23.77 -0.34
CA GLU F 64 31.70 -22.70 -1.19
C GLU F 64 30.58 -21.71 -1.52
N ARG F 65 29.35 -22.22 -1.65
CA ARG F 65 28.21 -21.34 -1.90
C ARG F 65 27.99 -20.35 -0.76
N ALA F 66 28.50 -20.66 0.43
CA ALA F 66 28.40 -19.77 1.58
C ALA F 66 29.67 -18.99 1.83
N GLY F 67 30.65 -19.07 0.94
CA GLY F 67 31.87 -18.29 1.07
C GLY F 67 32.92 -18.90 1.96
N GLU F 68 32.86 -20.22 2.19
CA GLU F 68 33.81 -20.91 3.06
C GLU F 68 34.68 -21.85 2.23
N SER F 69 35.95 -21.95 2.61
CA SER F 69 36.92 -22.82 1.94
C SER F 69 37.43 -23.84 2.94
N LEU F 70 37.55 -25.09 2.48
CA LEU F 70 38.00 -26.17 3.36
C LEU F 70 39.46 -25.99 3.69
N ARG F 71 39.79 -26.10 4.98
CA ARG F 71 41.17 -26.00 5.46
C ARG F 71 41.69 -27.28 6.08
N GLN F 72 40.84 -28.07 6.71
CA GLN F 72 41.26 -29.28 7.40
C GLN F 72 40.05 -30.19 7.54
N ASN F 73 40.29 -31.49 7.49
CA ASN F 73 39.22 -32.47 7.67
C ASN F 73 39.83 -33.76 8.20
N SER F 74 39.10 -34.41 9.12
CA SER F 74 39.53 -35.66 9.72
C SER F 74 38.40 -36.68 9.61
N ALA F 75 38.79 -37.95 9.55
CA ALA F 75 37.85 -39.05 9.45
C ALA F 75 38.00 -39.95 10.66
N GLU F 76 36.88 -40.25 11.32
CA GLU F 76 36.88 -41.06 12.52
C GLU F 76 35.70 -42.01 12.46
N LEU F 77 35.59 -42.87 13.49
CA LEU F 77 34.52 -43.87 13.53
C LEU F 77 33.15 -43.20 13.59
N GLY F 78 32.43 -43.22 12.47
CA GLY F 78 31.10 -42.69 12.41
C GLY F 78 31.01 -41.18 12.33
N ILE F 79 32.13 -40.49 12.09
CA ILE F 79 32.15 -39.03 12.07
C ILE F 79 33.10 -38.57 10.98
N HIS F 80 32.67 -37.56 10.22
CA HIS F 80 33.54 -36.80 9.33
C HIS F 80 33.51 -35.34 9.78
N THR F 81 34.67 -34.78 10.06
CA THR F 81 34.80 -33.39 10.51
C THR F 81 35.46 -32.56 9.42
N LEU F 82 34.81 -31.46 9.05
CA LEU F 82 35.34 -30.52 8.07
C LEU F 82 35.47 -29.16 8.74
N LYS F 83 36.68 -28.62 8.73
CA LYS F 83 36.97 -27.33 9.33
C LYS F 83 37.22 -26.30 8.23
N PHE F 84 36.50 -25.19 8.30
CA PHE F 84 36.66 -24.08 7.38
C PHE F 84 37.23 -22.87 8.13
N ASP F 85 37.30 -21.74 7.44
CA ASP F 85 37.81 -20.52 8.07
C ASP F 85 36.95 -20.12 9.27
N ARG F 86 35.63 -20.09 9.08
CA ARG F 86 34.73 -19.57 10.10
C ARG F 86 33.60 -20.55 10.43
N SER F 87 33.74 -21.82 10.07
CA SER F 87 32.66 -22.77 10.30
C SER F 87 33.23 -24.16 10.53
N LEU F 88 32.46 -24.98 11.25
CA LEU F 88 32.82 -26.35 11.55
C LEU F 88 31.66 -27.26 11.17
N LEU F 89 31.94 -28.28 10.36
CA LEU F 89 30.92 -29.19 9.85
C LEU F 89 31.18 -30.60 10.38
N VAL F 90 30.15 -31.20 10.96
CA VAL F 90 30.19 -32.57 11.44
C VAL F 90 29.18 -33.38 10.65
N PHE F 91 29.58 -34.55 10.17
CA PHE F 91 28.74 -35.39 9.33
C PHE F 91 28.76 -36.81 9.89
N THR F 92 27.61 -37.27 10.39
CA THR F 92 27.43 -38.63 10.87
C THR F 92 26.38 -39.33 10.04
N ALA F 93 26.11 -40.60 10.39
CA ALA F 93 25.09 -41.37 9.69
C ALA F 93 23.70 -40.79 9.89
N LYS F 94 23.48 -40.04 10.97
CA LYS F 94 22.15 -39.56 11.32
C LYS F 94 21.92 -38.09 11.02
N GLN F 95 22.97 -37.29 10.85
CA GLN F 95 22.77 -35.85 10.72
C GLN F 95 23.99 -35.19 10.09
N ILE F 96 23.75 -34.00 9.54
CA ILE F 96 24.80 -33.06 9.15
C ILE F 96 24.57 -31.80 9.97
N VAL F 97 25.61 -31.33 10.64
CA VAL F 97 25.53 -30.14 11.48
C VAL F 97 26.73 -29.26 11.16
N VAL F 98 26.47 -28.02 10.78
CA VAL F 98 27.51 -27.02 10.54
C VAL F 98 27.22 -25.81 11.43
N ARG F 99 28.23 -25.40 12.18
CA ARG F 99 28.16 -24.20 13.01
C ARG F 99 29.19 -23.20 12.50
N SER F 100 28.78 -21.93 12.41
CA SER F 100 29.63 -20.93 11.79
C SER F 100 29.48 -19.60 12.51
N SER F 101 30.45 -18.72 12.28
CA SER F 101 30.35 -17.34 12.71
C SER F 101 29.26 -16.62 11.92
N VAL F 102 28.90 -15.42 12.37
CA VAL F 102 27.78 -14.72 11.77
C VAL F 102 28.15 -14.00 10.48
N SER F 103 29.44 -13.81 10.21
CA SER F 103 29.84 -13.26 8.92
C SER F 103 29.67 -14.28 7.79
N VAL F 104 29.39 -15.53 8.11
CA VAL F 104 29.11 -16.55 7.10
C VAL F 104 27.63 -16.48 6.76
N MET F 105 27.33 -16.38 5.46
CA MET F 105 25.95 -16.41 4.98
C MET F 105 25.52 -17.87 4.83
N LEU F 106 25.33 -18.51 5.98
CA LEU F 106 25.07 -19.95 6.00
C LEU F 106 23.77 -20.31 5.31
N HIS F 107 22.81 -19.38 5.25
CA HIS F 107 21.57 -19.67 4.55
C HIS F 107 21.78 -19.91 3.07
N GLU F 108 22.93 -19.47 2.53
CA GLU F 108 23.23 -19.72 1.12
C GLU F 108 23.63 -21.17 0.85
N ALA F 109 23.89 -21.96 1.89
CA ALA F 109 24.22 -23.36 1.74
C ALA F 109 23.03 -24.28 1.92
N VAL F 110 21.85 -23.74 2.26
CA VAL F 110 20.69 -24.58 2.52
C VAL F 110 20.27 -25.31 1.25
N HIS F 111 19.96 -24.57 0.19
CA HIS F 111 19.53 -25.20 -1.05
C HIS F 111 20.61 -26.09 -1.66
N PRO F 112 21.86 -25.64 -1.82
CA PRO F 112 22.88 -26.57 -2.34
C PRO F 112 23.03 -27.84 -1.50
N MET F 113 23.00 -27.71 -0.17
CA MET F 113 23.09 -28.90 0.67
C MET F 113 21.92 -29.84 0.43
N LEU F 114 20.72 -29.28 0.28
CA LEU F 114 19.55 -30.12 -0.01
C LEU F 114 19.65 -30.78 -1.38
N GLU F 115 20.18 -30.05 -2.37
CA GLU F 115 20.40 -30.66 -3.68
C GLU F 115 21.39 -31.82 -3.59
N LEU F 116 22.44 -31.64 -2.79
CA LEU F 116 23.43 -32.71 -2.62
C LEU F 116 22.77 -33.96 -2.04
N MET F 117 21.99 -33.79 -0.97
CA MET F 117 21.24 -34.91 -0.43
C MET F 117 20.32 -35.51 -1.49
N ARG F 118 19.69 -34.65 -2.30
CA ARG F 118 18.79 -35.11 -3.34
C ARG F 118 19.54 -35.94 -4.39
N SER F 119 20.75 -35.53 -4.74
CA SER F 119 21.51 -36.26 -5.75
C SER F 119 21.91 -37.65 -5.25
N HIS F 120 22.02 -37.82 -3.94
CA HIS F 120 22.36 -39.11 -3.33
C HIS F 120 21.12 -39.89 -2.90
N ASN F 121 19.93 -39.45 -3.29
CA ASN F 121 18.69 -40.15 -2.92
C ASN F 121 18.51 -40.19 -1.41
N ILE F 122 18.98 -39.15 -0.72
CA ILE F 122 18.85 -39.03 0.72
C ILE F 122 17.65 -38.14 1.02
N ILE F 123 16.72 -38.66 1.81
CA ILE F 123 15.51 -37.91 2.17
C ILE F 123 15.78 -37.18 3.48
N VAL F 124 15.62 -35.86 3.45
CA VAL F 124 15.68 -35.04 4.66
C VAL F 124 14.27 -34.94 5.21
N ASP F 125 14.08 -35.42 6.44
CA ASP F 125 12.78 -35.37 7.10
C ASP F 125 12.76 -34.47 8.32
N TRP F 126 13.88 -33.84 8.67
CA TRP F 126 13.92 -32.88 9.76
C TRP F 126 15.13 -31.97 9.55
N ALA F 127 14.94 -30.68 9.79
CA ALA F 127 15.99 -29.71 9.58
C ALA F 127 15.79 -28.53 10.52
N SER F 128 16.90 -27.87 10.86
CA SER F 128 16.84 -26.71 11.73
C SER F 128 17.90 -25.70 11.32
N PHE F 129 17.57 -24.43 11.48
CA PHE F 129 18.52 -23.33 11.31
C PHE F 129 18.39 -22.45 12.54
N MET F 130 19.49 -22.23 13.24
CA MET F 130 19.46 -21.56 14.53
C MET F 130 20.54 -20.48 14.58
N ARG F 131 20.19 -19.34 15.17
CA ARG F 131 21.15 -18.28 15.44
C ARG F 131 20.95 -17.78 16.85
N VAL F 132 22.06 -17.51 17.53
CA VAL F 132 22.07 -16.98 18.89
C VAL F 132 22.39 -15.50 18.79
N ASN F 133 21.48 -14.65 19.23
CA ASN F 133 21.62 -13.20 19.14
C ASN F 133 21.85 -12.59 20.51
N TYR F 134 22.70 -11.57 20.56
CA TYR F 134 22.81 -10.71 21.73
C TYR F 134 22.01 -9.43 21.55
N GLY F 135 21.97 -8.88 20.33
CA GLY F 135 21.20 -7.70 20.04
C GLY F 135 19.84 -8.06 19.44
N SER F 136 18.96 -7.07 19.44
CA SER F 136 17.62 -7.29 18.93
C SER F 136 17.60 -7.17 17.41
N PRO F 137 16.76 -7.95 16.73
CA PRO F 137 16.60 -7.76 15.28
C PRO F 137 15.91 -6.46 14.92
N TRP F 138 15.37 -5.74 15.90
CA TRP F 138 14.68 -4.48 15.67
C TRP F 138 15.60 -3.27 15.80
N ASP F 139 16.90 -3.49 15.93
CA ASP F 139 17.89 -2.43 15.88
C ASP F 139 18.12 -2.06 14.41
N MET F 140 17.52 -0.97 13.97
CA MET F 140 17.53 -0.61 12.56
C MET F 140 18.90 -0.13 12.07
N THR F 141 19.81 0.20 12.98
CA THR F 141 21.17 0.56 12.57
C THR F 141 21.99 -0.66 12.16
N SER F 142 21.45 -1.87 12.32
CA SER F 142 22.17 -3.10 12.05
C SER F 142 21.53 -3.83 10.87
N GLU F 143 22.30 -4.73 10.27
CA GLU F 143 21.84 -5.55 9.16
C GLU F 143 21.19 -6.85 9.62
N THR F 144 21.10 -7.09 10.93
CA THR F 144 20.58 -8.36 11.44
C THR F 144 19.23 -8.69 10.82
N SER F 145 18.34 -7.69 10.71
CA SER F 145 17.00 -7.94 10.23
C SER F 145 16.99 -8.32 8.75
N ASP F 146 17.82 -7.65 7.95
CA ASP F 146 17.89 -7.97 6.53
C ASP F 146 18.40 -9.39 6.31
N ILE F 147 19.39 -9.81 7.12
CA ILE F 147 19.93 -11.17 6.96
C ILE F 147 18.89 -12.20 7.37
N MET F 148 18.26 -12.00 8.53
CA MET F 148 17.23 -12.94 8.98
C MET F 148 16.11 -13.07 7.96
N ALA F 149 15.77 -11.99 7.26
CA ALA F 149 14.75 -12.07 6.22
C ALA F 149 15.23 -12.94 5.06
N HIS F 150 16.49 -12.80 4.68
CA HIS F 150 17.05 -13.67 3.64
C HIS F 150 17.14 -15.12 4.12
N GLU F 151 17.59 -15.32 5.35
CA GLU F 151 17.60 -16.67 5.92
C GLU F 151 16.19 -17.27 5.88
N TYR F 152 15.18 -16.48 6.23
CA TYR F 152 13.81 -17.00 6.19
C TYR F 152 13.39 -17.34 4.76
N ALA F 153 13.79 -16.51 3.79
CA ALA F 153 13.45 -16.79 2.40
C ALA F 153 13.97 -18.16 1.98
N GLU F 154 15.26 -18.41 2.18
CA GLU F 154 15.83 -19.70 1.81
C GLU F 154 15.18 -20.84 2.56
N LEU F 155 15.01 -20.68 3.88
CA LEU F 155 14.50 -21.77 4.70
C LEU F 155 13.03 -22.06 4.37
N LYS F 156 12.19 -21.03 4.35
CA LYS F 156 10.78 -21.24 4.03
C LYS F 156 10.60 -21.68 2.58
N SER F 157 11.46 -21.18 1.69
CA SER F 157 11.39 -21.62 0.28
C SER F 157 11.68 -23.10 0.17
N ALA F 158 12.64 -23.60 0.94
CA ALA F 158 12.99 -25.01 0.88
C ALA F 158 12.04 -25.87 1.71
N PHE F 159 11.54 -25.33 2.82
CA PHE F 159 10.65 -26.06 3.72
C PHE F 159 9.39 -25.24 3.96
N PRO F 160 8.47 -25.22 3.00
CA PRO F 160 7.21 -24.47 3.22
C PRO F 160 6.48 -24.89 4.48
N THR F 161 6.67 -26.12 4.93
CA THR F 161 6.02 -26.60 6.15
C THR F 161 6.81 -26.25 7.41
N GLY F 162 8.08 -25.84 7.28
CA GLY F 162 8.83 -25.39 8.42
C GLY F 162 8.32 -24.08 8.97
N HIS F 163 8.77 -23.74 10.18
CA HIS F 163 8.30 -22.55 10.86
C HIS F 163 9.43 -21.92 11.65
N PRO F 164 9.45 -20.59 11.78
CA PRO F 164 10.43 -19.94 12.67
C PRO F 164 9.88 -19.74 14.07
N TYR F 165 10.81 -19.70 15.03
CA TYR F 165 10.47 -19.50 16.43
C TYR F 165 11.52 -18.62 17.08
N LEU F 166 11.11 -17.88 18.11
CA LEU F 166 12.00 -17.02 18.86
C LEU F 166 11.88 -17.37 20.33
N ALA F 167 12.91 -18.02 20.88
CA ALA F 167 12.93 -18.49 22.26
C ALA F 167 13.69 -17.48 23.10
N GLY F 168 12.99 -16.81 24.01
CA GLY F 168 13.59 -15.87 24.91
C GLY F 168 13.21 -14.44 24.61
N PRO F 169 13.71 -13.50 25.42
CA PRO F 169 13.39 -12.08 25.19
C PRO F 169 13.99 -11.58 23.89
N VAL F 170 13.15 -10.92 23.09
CA VAL F 170 13.59 -10.46 21.78
C VAL F 170 14.70 -9.42 21.93
N ASP F 171 14.71 -8.67 23.03
CA ASP F 171 15.67 -7.60 23.24
C ASP F 171 16.79 -8.00 24.18
N ARG F 172 16.98 -9.30 24.41
CA ARG F 172 18.07 -9.78 25.26
C ARG F 172 18.64 -11.03 24.59
N ASP F 173 19.36 -11.85 25.35
CA ASP F 173 19.88 -13.10 24.82
C ASP F 173 18.71 -14.01 24.46
N HIS F 174 18.71 -14.50 23.22
CA HIS F 174 17.63 -15.36 22.75
C HIS F 174 18.13 -16.17 21.56
N CYS F 175 17.37 -17.20 21.23
CA CYS F 175 17.63 -18.04 20.07
C CYS F 175 16.48 -17.88 19.09
N PHE F 176 16.82 -17.50 17.86
CA PHE F 176 15.89 -17.58 16.75
C PHE F 176 16.23 -18.84 15.95
N TYR F 177 15.25 -19.74 15.80
CA TYR F 177 15.49 -20.94 15.02
C TYR F 177 14.28 -21.24 14.15
N PHE F 178 14.56 -21.96 13.06
CA PHE F 178 13.56 -22.39 12.09
C PHE F 178 13.59 -23.91 12.06
N VAL F 179 12.42 -24.54 12.22
CA VAL F 179 12.33 -25.99 12.32
C VAL F 179 11.36 -26.51 11.28
N TYR F 180 11.83 -27.45 10.47
CA TYR F 180 10.98 -28.24 9.58
C TYR F 180 10.92 -29.67 10.10
N ASP F 181 9.70 -30.18 10.29
CA ASP F 181 9.48 -31.53 10.79
C ASP F 181 8.63 -32.29 9.77
N GLY F 182 9.28 -33.14 8.99
CA GLY F 182 8.59 -34.03 8.08
C GLY F 182 8.80 -35.48 8.45
N ILE F 183 9.05 -35.74 9.74
CA ILE F 183 9.32 -37.10 10.20
C ILE F 183 8.06 -37.94 10.03
N ASP F 184 8.21 -39.10 9.38
CA ASP F 184 7.11 -40.04 9.21
C ASP F 184 6.90 -40.77 10.53
N ARG F 185 5.76 -40.52 11.17
CA ARG F 185 5.45 -41.10 12.48
C ARG F 185 4.33 -42.12 12.40
N ASP F 186 4.11 -42.72 11.24
CA ASP F 186 3.15 -43.82 11.15
C ASP F 186 3.60 -44.95 12.06
N PRO F 187 2.66 -45.63 12.75
CA PRO F 187 3.07 -46.74 13.62
C PRO F 187 4.06 -47.71 12.98
N SER F 188 3.96 -47.93 11.67
CA SER F 188 4.82 -48.88 10.98
C SER F 188 6.18 -48.29 10.59
N SER F 189 6.52 -47.11 11.08
CA SER F 189 7.77 -46.46 10.73
C SER F 189 8.86 -46.84 11.72
N CYS F 190 10.09 -46.96 11.21
CA CYS F 190 11.26 -47.29 12.01
C CYS F 190 12.11 -46.07 12.34
N ARG F 191 11.50 -44.88 12.30
CA ARG F 191 12.23 -43.62 12.53
C ARG F 191 12.09 -43.25 14.00
N ARG F 192 13.01 -43.76 14.82
CA ARG F 192 13.00 -43.46 16.24
C ARG F 192 13.60 -42.09 16.49
N GLU F 193 13.25 -41.51 17.65
CA GLU F 193 13.65 -40.14 18.01
C GLU F 193 14.14 -40.16 19.46
N ASN F 194 15.42 -40.48 19.64
CA ASN F 194 16.05 -40.49 20.95
C ASN F 194 17.35 -39.70 20.92
N ASP F 195 17.37 -38.63 20.14
CA ASP F 195 18.59 -37.83 20.00
C ASP F 195 18.83 -36.99 21.24
N VAL F 196 20.12 -36.77 21.53
CA VAL F 196 20.56 -35.84 22.56
C VAL F 196 21.16 -34.63 21.87
N GLN F 197 20.77 -33.43 22.32
CA GLN F 197 21.38 -32.20 21.84
C GLN F 197 21.45 -31.23 23.01
N ILE F 198 22.67 -30.84 23.38
CA ILE F 198 22.91 -29.92 24.48
C ILE F 198 23.86 -28.84 23.98
N ASN F 199 23.44 -27.58 24.08
CA ASN F 199 24.21 -26.45 23.59
C ASN F 199 24.46 -25.47 24.73
N VAL F 200 25.72 -25.04 24.87
CA VAL F 200 26.12 -24.10 25.90
C VAL F 200 26.82 -22.93 25.21
N TYR F 201 26.21 -21.75 25.27
CA TYR F 201 26.78 -20.54 24.71
C TYR F 201 27.25 -19.64 25.85
N MET F 202 28.49 -19.18 25.77
CA MET F 202 29.12 -18.43 26.84
C MET F 202 29.58 -17.08 26.30
N TYR F 203 28.91 -16.03 26.74
CA TYR F 203 29.19 -14.67 26.28
C TYR F 203 30.28 -14.03 27.12
N ASN F 204 31.19 -13.31 26.46
CA ASN F 204 32.24 -12.54 27.13
C ASN F 204 33.01 -13.43 28.12
N VAL F 205 33.82 -14.30 27.55
CA VAL F 205 34.65 -15.21 28.33
C VAL F 205 35.96 -14.52 28.65
N GLN F 206 36.66 -15.04 29.67
CA GLN F 206 37.93 -14.46 30.10
C GLN F 206 39.11 -15.29 29.60
N GLU F 219 40.87 -18.40 19.80
CA GLU F 219 40.31 -18.73 18.50
C GLU F 219 40.64 -20.17 18.11
N GLN F 220 39.63 -21.02 18.05
CA GLN F 220 39.85 -22.42 17.70
C GLN F 220 38.51 -23.09 17.42
N GLN F 221 38.57 -24.19 16.67
CA GLN F 221 37.42 -25.04 16.39
C GLN F 221 37.85 -26.49 16.62
N LEU F 222 37.28 -27.13 17.62
CA LEU F 222 37.73 -28.44 18.06
C LEU F 222 36.56 -29.42 18.08
N LEU F 223 36.88 -30.69 17.85
CA LEU F 223 35.93 -31.78 18.01
C LEU F 223 36.62 -32.91 18.76
N VAL F 224 35.97 -33.44 19.79
CA VAL F 224 36.45 -34.59 20.54
C VAL F 224 35.41 -35.69 20.42
N SER F 225 35.85 -36.88 20.03
CA SER F 225 34.97 -38.03 19.85
C SER F 225 35.32 -39.08 20.89
N HIS F 226 34.34 -39.42 21.72
CA HIS F 226 34.48 -40.46 22.74
C HIS F 226 33.76 -41.75 22.37
N CYS F 227 32.79 -41.68 21.47
CA CYS F 227 32.03 -42.84 21.05
C CYS F 227 31.71 -42.69 19.56
N ALA F 228 31.28 -43.78 18.95
CA ALA F 228 31.02 -43.79 17.52
C ALA F 228 29.72 -43.04 17.23
N GLY F 229 29.80 -41.99 16.42
CA GLY F 229 28.65 -41.17 16.09
C GLY F 229 28.31 -40.12 17.12
N GLU F 230 28.94 -40.14 18.29
CA GLU F 230 28.73 -39.14 19.33
C GLU F 230 29.97 -38.27 19.46
N TYR F 231 29.76 -36.98 19.69
CA TYR F 231 30.85 -36.02 19.62
C TYR F 231 30.62 -34.87 20.59
N GLU F 232 31.70 -34.14 20.87
CA GLU F 232 31.65 -32.85 21.51
C GLU F 232 32.40 -31.87 20.64
N THR F 233 31.79 -30.73 20.34
CA THR F 233 32.43 -29.68 19.55
C THR F 233 32.50 -28.40 20.37
N LEU F 234 33.59 -27.66 20.17
CA LEU F 234 33.80 -26.39 20.86
C LEU F 234 34.33 -25.39 19.86
N ARG F 235 33.68 -24.23 19.78
CA ARG F 235 34.13 -23.13 18.95
C ARG F 235 34.38 -21.92 19.85
N VAL F 236 35.54 -21.29 19.64
CA VAL F 236 35.90 -20.07 20.36
C VAL F 236 36.19 -19.00 19.32
N SER F 237 35.49 -17.88 19.42
CA SER F 237 35.65 -16.79 18.45
C SER F 237 35.35 -15.45 19.12
N THR F 238 34.93 -14.47 18.32
CA THR F 238 34.65 -13.14 18.86
C THR F 238 33.30 -12.64 18.35
N HIS F 243 34.59 -8.94 21.54
CA HIS F 243 33.88 -9.66 22.58
C HIS F 243 34.04 -11.17 22.40
N PRO F 244 34.85 -11.80 23.25
CA PRO F 244 35.09 -13.25 23.09
C PRO F 244 33.90 -14.07 23.59
N PHE F 245 33.59 -15.13 22.84
CA PHE F 245 32.52 -16.04 23.22
C PHE F 245 32.92 -17.46 22.83
N ALA F 246 32.46 -18.43 23.62
CA ALA F 246 32.72 -19.83 23.39
C ALA F 246 31.39 -20.55 23.21
N SER F 247 31.39 -21.56 22.33
CA SER F 247 30.18 -22.29 21.97
C SER F 247 30.45 -23.78 22.06
N PHE F 248 29.72 -24.47 22.94
CA PHE F 248 29.89 -25.89 23.18
C PHE F 248 28.64 -26.64 22.75
N GLU F 249 28.83 -27.79 22.10
CA GLU F 249 27.73 -28.64 21.70
C GLU F 249 28.12 -30.10 21.89
N THR F 250 27.13 -30.93 22.18
CA THR F 250 27.35 -32.37 22.27
C THR F 250 26.03 -33.08 22.01
N ASN F 251 26.14 -34.27 21.41
CA ASN F 251 24.99 -35.15 21.21
C ASN F 251 25.19 -36.49 21.92
N ALA F 252 26.11 -36.54 22.87
CA ALA F 252 26.43 -37.79 23.55
C ALA F 252 25.32 -38.18 24.52
N VAL F 253 24.93 -39.45 24.48
CA VAL F 253 23.92 -39.95 25.42
C VAL F 253 24.40 -39.79 26.85
N SER F 254 25.71 -39.93 27.09
CA SER F 254 26.24 -39.78 28.43
C SER F 254 26.09 -38.35 28.93
N ALA F 255 26.13 -37.36 28.02
CA ALA F 255 25.96 -35.98 28.42
C ALA F 255 24.55 -35.70 28.93
N ALA F 256 23.54 -36.38 28.37
CA ALA F 256 22.17 -36.13 28.77
C ALA F 256 21.89 -36.55 30.21
N SER F 257 22.72 -37.43 30.78
CA SER F 257 22.52 -37.89 32.14
C SER F 257 23.14 -36.98 33.19
N ASP F 258 23.98 -36.04 32.80
CA ASP F 258 24.67 -35.18 33.75
C ASP F 258 25.03 -33.84 33.07
N ILE F 259 24.00 -33.10 32.64
CA ILE F 259 24.25 -31.77 32.11
C ILE F 259 24.87 -30.88 33.17
N THR F 260 24.57 -31.12 34.44
CA THR F 260 25.07 -30.26 35.51
C THR F 260 26.60 -30.24 35.52
N LYS F 261 27.23 -31.41 35.42
CA LYS F 261 28.68 -31.49 35.53
C LYS F 261 29.36 -30.72 34.40
N ILE F 262 28.93 -30.97 33.16
CA ILE F 262 29.66 -30.44 32.01
C ILE F 262 29.60 -28.91 32.00
N VAL F 263 28.45 -28.34 32.32
CA VAL F 263 28.33 -26.88 32.28
C VAL F 263 29.22 -26.24 33.33
N ASN F 264 29.27 -26.82 34.53
CA ASN F 264 30.13 -26.28 35.57
C ASN F 264 31.59 -26.28 35.14
N GLY F 265 32.03 -27.34 34.48
CA GLY F 265 33.38 -27.37 33.95
C GLY F 265 33.62 -26.33 32.88
N LEU F 266 32.58 -26.01 32.10
CA LEU F 266 32.70 -24.98 31.09
C LEU F 266 32.77 -23.58 31.72
N LEU F 267 31.91 -23.33 32.70
CA LEU F 267 31.89 -22.00 33.33
C LEU F 267 33.19 -21.73 34.07
N LYS F 268 33.79 -22.76 34.67
CA LYS F 268 35.07 -22.57 35.34
C LYS F 268 36.18 -22.24 34.34
N LYS F 269 36.24 -22.99 33.24
CA LYS F 269 37.32 -22.79 32.29
C LYS F 269 37.18 -21.47 31.54
N PHE F 270 35.96 -20.99 31.34
CA PHE F 270 35.71 -19.79 30.56
C PHE F 270 35.25 -18.59 31.39
N TYR F 271 34.49 -18.83 32.46
CA TYR F 271 34.04 -17.76 33.35
C TYR F 271 33.37 -16.63 32.55
N PRO F 272 32.20 -16.87 31.97
CA PRO F 272 31.52 -15.84 31.19
C PRO F 272 30.64 -14.93 32.03
N GLU F 273 30.24 -13.82 31.42
CA GLU F 273 29.27 -12.92 32.06
C GLU F 273 27.85 -13.44 31.92
N ARG F 274 27.49 -13.90 30.73
CA ARG F 274 26.16 -14.43 30.45
C ARG F 274 26.28 -15.81 29.82
N VAL F 275 25.22 -16.60 29.98
CA VAL F 275 25.19 -17.97 29.49
C VAL F 275 23.82 -18.25 28.90
N LEU F 276 23.79 -19.04 27.83
CA LEU F 276 22.54 -19.51 27.22
C LEU F 276 22.65 -21.01 27.04
N LEU F 277 21.69 -21.75 27.59
CA LEU F 277 21.66 -23.20 27.50
C LEU F 277 20.46 -23.63 26.67
N VAL F 278 20.66 -24.66 25.85
CA VAL F 278 19.59 -25.30 25.11
C VAL F 278 19.72 -26.81 25.29
N LEU F 279 18.63 -27.45 25.69
CA LEU F 279 18.61 -28.90 25.91
C LEU F 279 17.48 -29.51 25.11
N LEU F 280 17.79 -30.55 24.34
CA LEU F 280 16.79 -31.26 23.58
C LEU F 280 16.18 -32.38 24.42
N GLN F 281 14.85 -32.43 24.46
CA GLN F 281 14.11 -33.54 25.05
C GLN F 281 13.36 -34.20 23.89
N ASP F 282 13.94 -35.25 23.34
CA ASP F 282 13.38 -35.86 22.15
C ASP F 282 12.09 -36.59 22.49
N ARG F 283 11.37 -36.97 21.44
CA ARG F 283 10.12 -37.73 21.59
C ARG F 283 10.31 -38.91 22.53
N ASP F 284 11.37 -39.69 22.32
CA ASP F 284 11.72 -40.79 23.21
C ASP F 284 12.73 -40.27 24.23
N ALA F 285 12.22 -39.72 25.33
CA ALA F 285 13.07 -39.16 26.37
C ALA F 285 13.86 -40.24 27.07
N MET F 294 19.16 -27.07 34.99
CA MET F 294 18.72 -25.84 34.36
C MET F 294 17.96 -24.95 35.34
N ASP F 295 17.86 -25.39 36.60
CA ASP F 295 17.12 -24.61 37.59
C ASP F 295 17.99 -23.53 38.22
N ARG F 296 19.29 -23.76 38.35
CA ARG F 296 20.18 -22.77 38.93
C ARG F 296 21.61 -23.10 38.54
N LEU F 297 22.40 -22.05 38.28
CA LEU F 297 23.81 -22.19 37.98
C LEU F 297 24.63 -21.42 39.01
N GLU F 298 25.83 -21.93 39.29
CA GLU F 298 26.66 -21.40 40.35
C GLU F 298 27.11 -19.99 40.01
N GLY F 299 26.74 -19.02 40.86
CA GLY F 299 27.15 -17.64 40.63
C GLY F 299 26.42 -16.95 39.52
N PHE F 300 25.28 -17.49 39.08
CA PHE F 300 24.51 -16.93 37.99
C PHE F 300 23.05 -16.81 38.39
N THR F 301 22.43 -15.69 38.04
CA THR F 301 21.00 -15.49 38.23
C THR F 301 20.27 -15.79 36.92
N VAL F 302 19.07 -16.33 37.05
CA VAL F 302 18.27 -16.71 35.88
C VAL F 302 17.67 -15.45 35.27
N VAL F 303 17.92 -15.24 33.98
CA VAL F 303 17.33 -14.14 33.24
C VAL F 303 16.00 -14.53 32.62
N HIS F 304 15.97 -15.67 31.94
CA HIS F 304 14.77 -16.17 31.30
C HIS F 304 14.82 -17.69 31.25
N ARG F 305 13.65 -18.31 31.27
CA ARG F 305 13.54 -19.76 31.20
C ARG F 305 12.26 -20.08 30.42
N GLY F 306 12.36 -21.02 29.48
CA GLY F 306 11.21 -21.37 28.67
C GLY F 306 11.43 -22.66 27.93
N ALA F 307 10.38 -23.11 27.25
CA ALA F 307 10.42 -24.37 26.51
C ALA F 307 9.51 -24.28 25.29
N ASN F 308 9.93 -24.91 24.20
CA ASN F 308 9.13 -25.03 22.98
C ASN F 308 8.80 -26.49 22.79
N HIS F 309 7.54 -26.85 23.00
CA HIS F 309 7.08 -28.22 22.81
C HIS F 309 6.50 -28.34 21.40
N PHE F 310 7.20 -29.07 20.53
CA PHE F 310 6.78 -29.23 19.15
C PHE F 310 5.72 -30.32 19.04
N GLY F 311 4.86 -30.19 18.02
CA GLY F 311 3.80 -31.14 17.81
C GLY F 311 4.31 -32.57 17.68
N GLY F 312 5.54 -32.75 17.20
CA GLY F 312 6.13 -34.07 17.07
C GLY F 312 6.46 -34.75 18.38
N GLY F 313 6.21 -34.11 19.51
CA GLY F 313 6.43 -34.70 20.82
C GLY F 313 7.70 -34.25 21.50
N TYR F 314 8.69 -33.76 20.76
CA TYR F 314 9.96 -33.36 21.33
C TYR F 314 9.89 -31.91 21.81
N VAL F 315 10.82 -31.56 22.71
CA VAL F 315 10.82 -30.28 23.39
C VAL F 315 12.22 -29.69 23.34
N PHE F 316 12.31 -28.38 23.12
CA PHE F 316 13.56 -27.64 23.21
C PHE F 316 13.49 -26.73 24.44
N HIS F 317 14.30 -27.03 25.44
CA HIS F 317 14.37 -26.23 26.67
C HIS F 317 15.48 -25.19 26.56
N GLN F 318 15.21 -23.99 27.06
CA GLN F 318 16.18 -22.92 27.00
C GLN F 318 16.13 -22.09 28.27
N ALA F 319 17.31 -21.68 28.74
CA ALA F 319 17.43 -20.77 29.87
C ALA F 319 18.63 -19.87 29.63
N THR F 320 18.49 -18.60 30.02
CA THR F 320 19.59 -17.64 29.96
C THR F 320 19.93 -17.17 31.36
N TYR F 321 21.21 -16.89 31.57
CA TYR F 321 21.71 -16.51 32.88
C TYR F 321 22.66 -15.34 32.75
N ALA F 322 22.80 -14.58 33.83
CA ALA F 322 23.75 -13.49 33.93
C ALA F 322 24.52 -13.63 35.24
N ARG F 323 25.81 -13.35 35.19
CA ARG F 323 26.62 -13.44 36.40
C ARG F 323 26.09 -12.51 37.47
N SER F 324 26.05 -12.99 38.70
CA SER F 324 25.51 -12.22 39.82
C SER F 324 26.43 -11.06 40.18
#